data_3PTQ
#
_entry.id   3PTQ
#
_cell.length_a   114.112
_cell.length_b   114.112
_cell.length_c   184.541
_cell.angle_alpha   90.00
_cell.angle_beta   90.00
_cell.angle_gamma   90.00
#
_symmetry.space_group_name_H-M   'P 43 21 2'
#
loop_
_entity.id
_entity.type
_entity.pdbx_description
1 polymer 'Beta-glucosidase Os4BGlu12'
2 non-polymer GLYCEROL
3 non-polymer '2,4-dinitrophenyl 2-deoxy-2-fluoro-beta-D-glucopyranoside'
4 non-polymer 'ZINC ION'
5 water water
#
_entity_poly.entity_id   1
_entity_poly.type   'polypeptide(L)'
_entity_poly.pdbx_seq_one_letter_code
;AMADITSLYKKAGSAAAPFAYNSAGEPPVSRRSFPKGFIFGTASSSYQYEGGAAEGGRGPSIWDTFTHQHPEKIADRSNG
DVASDSYHLYKEDVRLMKDMGMDAYRFSISWTRILPNGSLRGGVNKEGIKYYNNLINELLSKGVQPFITLFHWDSPQALE
DKYNGFLSPNIINDFKDYAEICFKEFGDRVKNWITFNEPWTFCSNGYATGLFAPGRCSPWEKGNCSVGDSGREPYTACHH
QLLAHAETVRLYKAKYQALQKGKIGITLVSHWFVPFSRSKSNNDAAKRAIDFMFGWFMDPLIRGDYPLSMRGLVGNRLPQ
FTKEQSKLVKGAFDFIGLNYYTANYADNLPPSNGLNNSYTTDSRANLTGVRNGIPIGPQAASPWLYVYPQGFRDLLLYVK
ENYGNPTVYITENGVDEFNNKTLPLQEALKDDARIEYYHKHLLSLLSAIRDGANVKGYFAWSLLDNFEWSNGYTVRFGIN
FVDYNDGRKRYPKNSAHWFKKFLLK
;
_entity_poly.pdbx_strand_id   A,B
#
# COMPACT_ATOMS: atom_id res chain seq x y z
N PRO A 28 -31.60 23.91 3.81
CA PRO A 28 -31.81 22.62 3.15
C PRO A 28 -32.21 22.75 1.66
N VAL A 29 -31.52 23.51 0.80
CA VAL A 29 -30.10 23.46 0.39
C VAL A 29 -29.70 22.17 -0.37
N SER A 30 -29.53 22.33 -1.68
CA SER A 30 -29.08 21.27 -2.56
C SER A 30 -28.39 21.93 -3.74
N ARG A 31 -27.75 21.13 -4.59
CA ARG A 31 -27.20 21.62 -5.83
C ARG A 31 -28.19 22.50 -6.62
N ARG A 32 -29.46 22.12 -6.60
CA ARG A 32 -30.51 22.83 -7.34
C ARG A 32 -30.73 24.25 -6.83
N SER A 33 -30.31 24.55 -5.60
CA SER A 33 -30.32 25.92 -5.08
C SER A 33 -29.30 26.82 -5.76
N PHE A 34 -28.27 26.23 -6.35
CA PHE A 34 -27.14 26.99 -6.88
C PHE A 34 -27.31 27.35 -8.37
N PRO A 35 -26.61 28.38 -8.86
CA PRO A 35 -26.77 28.73 -10.27
C PRO A 35 -26.48 27.56 -11.20
N LYS A 36 -27.07 27.58 -12.39
CA LYS A 36 -26.81 26.55 -13.40
C LYS A 36 -25.36 26.65 -13.83
N GLY A 37 -24.73 25.51 -14.03
CA GLY A 37 -23.32 25.48 -14.41
C GLY A 37 -22.35 25.50 -13.24
N PHE A 38 -22.85 25.69 -12.03
CA PHE A 38 -22.03 25.77 -10.83
C PHE A 38 -21.35 24.43 -10.57
N ILE A 39 -20.08 24.48 -10.19
CA ILE A 39 -19.23 23.30 -10.11
C ILE A 39 -19.01 22.88 -8.65
N PHE A 40 -19.32 21.62 -8.34
CA PHE A 40 -19.02 21.06 -7.02
C PHE A 40 -17.98 19.96 -7.16
N GLY A 41 -17.00 19.98 -6.26
CA GLY A 41 -15.91 19.03 -6.28
C GLY A 41 -15.30 18.83 -4.90
N THR A 42 -14.22 18.07 -4.87
CA THR A 42 -13.39 17.88 -3.70
C THR A 42 -11.96 18.22 -4.08
N ALA A 43 -11.11 18.38 -3.08
CA ALA A 43 -9.72 18.73 -3.31
C ALA A 43 -8.75 17.79 -2.61
N SER A 44 -7.58 17.64 -3.22
CA SER A 44 -6.48 16.87 -2.65
C SER A 44 -5.15 17.54 -3.01
N SER A 45 -4.05 17.02 -2.43
CA SER A 45 -2.69 17.42 -2.84
C SER A 45 -1.76 16.21 -2.91
N SER A 46 -0.72 16.33 -3.72
CA SER A 46 0.16 15.24 -4.06
C SER A 46 0.85 14.64 -2.83
N TYR A 47 1.51 15.48 -2.04
CA TYR A 47 2.23 14.96 -0.90
C TYR A 47 1.31 14.35 0.15
N GLN A 48 0.13 14.95 0.32
CA GLN A 48 -0.81 14.48 1.35
C GLN A 48 -1.50 13.17 0.98
N TYR A 49 -1.57 12.83 -0.30
CA TYR A 49 -2.40 11.72 -0.77
C TYR A 49 -1.63 10.55 -1.38
N GLU A 50 -0.63 10.87 -2.20
CA GLU A 50 -0.09 9.95 -3.19
C GLU A 50 0.64 8.74 -2.64
N GLY A 51 1.51 8.98 -1.66
CA GLY A 51 2.51 7.98 -1.29
C GLY A 51 3.45 7.76 -2.45
N GLY A 52 3.97 6.53 -2.55
CA GLY A 52 4.99 6.19 -3.55
C GLY A 52 6.06 7.26 -3.63
N ALA A 53 6.48 7.77 -2.46
CA ALA A 53 7.43 8.88 -2.38
C ALA A 53 8.74 8.63 -3.13
N ALA A 54 9.26 7.41 -3.04
CA ALA A 54 10.49 7.02 -3.73
C ALA A 54 10.16 6.00 -4.83
N GLU A 55 9.07 6.23 -5.53
CA GLU A 55 8.62 5.27 -6.51
C GLU A 55 8.47 5.96 -7.87
N GLY A 56 8.51 5.18 -8.94
CA GLY A 56 8.35 5.72 -10.28
C GLY A 56 9.26 6.91 -10.61
N GLY A 57 10.42 6.95 -9.97
CA GLY A 57 11.47 7.90 -10.31
C GLY A 57 11.28 9.25 -9.64
N ARG A 58 10.46 9.30 -8.60
CA ARG A 58 10.20 10.58 -7.96
C ARG A 58 11.43 11.01 -7.15
N GLY A 59 11.78 12.29 -7.25
CA GLY A 59 12.84 12.88 -6.44
C GLY A 59 12.31 13.37 -5.10
N PRO A 60 13.22 13.63 -4.13
CA PRO A 60 12.71 14.09 -2.84
C PRO A 60 12.27 15.55 -2.88
N SER A 61 11.32 15.91 -2.03
CA SER A 61 10.91 17.29 -1.89
C SER A 61 11.28 17.75 -0.50
N ILE A 62 11.12 19.03 -0.22
CA ILE A 62 11.49 19.57 1.09
C ILE A 62 10.67 18.98 2.23
N TRP A 63 9.50 18.43 1.90
CA TRP A 63 8.64 17.81 2.88
C TRP A 63 9.08 16.37 3.14
N ASP A 64 9.63 15.71 2.12
CA ASP A 64 10.30 14.42 2.35
C ASP A 64 11.42 14.62 3.37
N THR A 65 12.33 15.54 3.03
CA THR A 65 13.41 15.91 3.93
C THR A 65 12.89 16.30 5.31
N PHE A 66 11.92 17.22 5.34
CA PHE A 66 11.42 17.77 6.61
C PHE A 66 10.90 16.69 7.54
N THR A 67 10.08 15.80 7.01
CA THR A 67 9.47 14.76 7.85
C THR A 67 10.47 13.73 8.38
N HIS A 68 11.45 13.36 7.55
CA HIS A 68 12.45 12.37 7.97
C HIS A 68 13.51 12.92 8.94
N GLN A 69 13.95 14.16 8.71
CA GLN A 69 15.02 14.77 9.52
C GLN A 69 14.50 15.47 10.77
N HIS A 70 13.26 15.93 10.74
CA HIS A 70 12.69 16.62 11.89
C HIS A 70 11.35 16.01 12.34
N PRO A 71 11.35 14.70 12.64
CA PRO A 71 10.11 14.01 13.03
C PRO A 71 9.45 14.60 14.27
N GLU A 72 10.22 15.33 15.08
CA GLU A 72 9.75 15.97 16.31
C GLU A 72 8.82 17.13 15.99
N LYS A 73 8.89 17.59 14.74
CA LYS A 73 8.06 18.70 14.27
C LYS A 73 6.70 18.23 13.71
N ILE A 74 6.53 16.91 13.66
CA ILE A 74 5.29 16.27 13.25
C ILE A 74 4.65 15.59 14.48
N ALA A 75 3.39 15.92 14.76
CA ALA A 75 2.69 15.47 15.99
C ALA A 75 2.83 13.99 16.30
N ASP A 76 2.75 13.14 15.28
CA ASP A 76 2.86 11.69 15.43
C ASP A 76 4.13 11.15 14.78
N ARG A 77 5.11 12.02 14.55
CA ARG A 77 6.39 11.65 13.96
C ARG A 77 6.24 10.87 12.65
N SER A 78 5.23 11.22 11.86
CA SER A 78 4.96 10.49 10.65
C SER A 78 5.44 11.22 9.41
N ASN A 79 5.27 10.59 8.24
CA ASN A 79 5.66 11.16 6.96
C ASN A 79 4.71 10.78 5.83
N GLY A 80 4.98 11.30 4.64
CA GLY A 80 4.16 11.01 3.47
C GLY A 80 4.66 9.90 2.56
N ASP A 81 5.46 8.99 3.11
CA ASP A 81 5.98 7.85 2.34
C ASP A 81 4.85 7.06 1.63
N VAL A 82 3.83 6.71 2.40
CA VAL A 82 2.68 5.97 1.89
C VAL A 82 1.47 6.88 1.79
N ALA A 83 1.31 7.78 2.76
CA ALA A 83 0.16 8.67 2.88
C ALA A 83 -1.14 7.88 2.70
N SER A 84 -1.98 8.28 1.74
CA SER A 84 -3.23 7.55 1.46
C SER A 84 -3.07 6.61 0.28
N ASP A 85 -1.83 6.42 -0.19
CA ASP A 85 -1.53 5.48 -1.29
C ASP A 85 -2.30 5.76 -2.59
N SER A 86 -2.66 7.02 -2.82
CA SER A 86 -3.40 7.40 -4.04
C SER A 86 -2.60 7.12 -5.30
N TYR A 87 -1.29 7.03 -5.18
CA TYR A 87 -0.45 6.73 -6.31
C TYR A 87 -0.83 5.37 -6.86
N HIS A 88 -1.21 4.44 -5.99
CA HIS A 88 -1.70 3.14 -6.42
C HIS A 88 -3.22 3.10 -6.53
N LEU A 89 -3.88 3.81 -5.63
CA LEU A 89 -5.33 3.65 -5.42
C LEU A 89 -6.23 4.69 -6.09
N TYR A 90 -5.65 5.49 -7.00
CA TYR A 90 -6.36 6.62 -7.60
C TYR A 90 -7.67 6.24 -8.32
N LYS A 91 -7.74 5.02 -8.85
CA LYS A 91 -8.98 4.54 -9.48
C LYS A 91 -10.14 4.43 -8.51
N GLU A 92 -9.84 4.00 -7.28
CA GLU A 92 -10.82 3.96 -6.22
C GLU A 92 -11.26 5.37 -5.81
N ASP A 93 -10.32 6.31 -5.83
CA ASP A 93 -10.63 7.73 -5.55
C ASP A 93 -11.64 8.29 -6.54
N VAL A 94 -11.43 8.01 -7.82
CA VAL A 94 -12.31 8.53 -8.86
C VAL A 94 -13.69 7.91 -8.70
N ARG A 95 -13.72 6.61 -8.45
CA ARG A 95 -14.94 5.88 -8.16
C ARG A 95 -15.73 6.50 -6.99
N LEU A 96 -15.00 6.86 -5.92
CA LEU A 96 -15.59 7.46 -4.74
C LEU A 96 -16.20 8.83 -5.00
N MET A 97 -15.53 9.65 -5.82
CA MET A 97 -16.03 10.96 -6.21
C MET A 97 -17.25 10.82 -7.07
N LYS A 98 -17.22 9.83 -7.95
CA LYS A 98 -18.25 9.67 -8.95
C LYS A 98 -19.55 9.23 -8.27
N ASP A 99 -19.44 8.26 -7.36
CA ASP A 99 -20.55 7.78 -6.52
C ASP A 99 -21.27 8.93 -5.81
N MET A 100 -20.53 9.97 -5.43
CA MET A 100 -21.11 11.14 -4.80
C MET A 100 -21.79 12.08 -5.80
N GLY A 101 -21.34 12.05 -7.06
CA GLY A 101 -21.87 12.92 -8.08
C GLY A 101 -21.06 14.19 -8.25
N MET A 102 -19.79 14.15 -7.83
CA MET A 102 -18.89 15.29 -7.96
C MET A 102 -18.65 15.68 -9.41
N ASP A 103 -18.61 16.99 -9.69
CA ASP A 103 -18.32 17.52 -11.04
C ASP A 103 -16.83 17.60 -11.32
N ALA A 104 -16.05 17.93 -10.30
CA ALA A 104 -14.66 18.24 -10.53
C ALA A 104 -13.76 17.77 -9.39
N TYR A 105 -12.49 17.57 -9.72
CA TYR A 105 -11.51 17.16 -8.74
C TYR A 105 -10.36 18.15 -8.75
N ARG A 106 -10.02 18.67 -7.58
CA ARG A 106 -8.85 19.50 -7.44
C ARG A 106 -7.71 18.68 -6.90
N PHE A 107 -6.66 18.53 -7.69
CA PHE A 107 -5.48 17.84 -7.24
C PHE A 107 -4.20 18.59 -7.61
N SER A 108 -3.06 18.12 -7.11
CA SER A 108 -1.82 18.80 -7.40
C SER A 108 -0.85 17.82 -8.01
N ILE A 109 0.02 18.33 -8.88
CA ILE A 109 1.09 17.54 -9.46
C ILE A 109 2.35 17.72 -8.62
N SER A 110 3.06 16.62 -8.38
CA SER A 110 4.32 16.69 -7.65
C SER A 110 5.43 17.08 -8.60
N TRP A 111 5.94 18.30 -8.41
CA TRP A 111 7.10 18.81 -9.13
C TRP A 111 8.21 17.76 -9.30
N THR A 112 8.60 17.09 -8.22
CA THR A 112 9.68 16.10 -8.28
C THR A 112 9.26 14.73 -8.81
N ARG A 113 7.96 14.56 -9.06
CA ARG A 113 7.53 13.41 -9.84
C ARG A 113 7.73 13.68 -11.33
N ILE A 114 7.70 14.95 -11.74
CA ILE A 114 7.96 15.34 -13.14
C ILE A 114 9.44 15.69 -13.40
N LEU A 115 10.00 16.53 -12.54
CA LEU A 115 11.43 16.91 -12.58
C LEU A 115 12.10 16.47 -11.27
N PRO A 116 12.62 15.24 -11.23
CA PRO A 116 13.14 14.67 -9.99
C PRO A 116 14.13 15.58 -9.25
N ASN A 117 14.94 16.36 -9.94
CA ASN A 117 15.72 17.37 -9.21
C ASN A 117 15.44 18.82 -9.61
N GLY A 118 14.19 19.07 -10.00
CA GLY A 118 13.65 20.40 -10.07
C GLY A 118 13.78 21.12 -11.38
N SER A 119 14.87 20.88 -12.09
CA SER A 119 15.15 21.61 -13.34
C SER A 119 15.07 20.72 -14.57
N LEU A 120 14.83 21.35 -15.73
CA LEU A 120 14.90 20.66 -17.02
C LEU A 120 16.17 19.82 -17.18
N ARG A 121 17.34 20.43 -16.99
CA ARG A 121 18.59 19.73 -17.26
C ARG A 121 18.80 18.50 -16.38
N GLY A 122 18.16 18.52 -15.21
CA GLY A 122 18.11 17.33 -14.35
C GLY A 122 17.34 16.15 -14.90
N GLY A 123 16.66 16.32 -16.04
CA GLY A 123 15.91 15.24 -16.67
C GLY A 123 14.41 15.24 -16.41
N VAL A 124 13.65 14.83 -17.42
CA VAL A 124 12.20 14.70 -17.33
C VAL A 124 11.82 13.25 -17.00
N ASN A 125 11.07 13.06 -15.93
CA ASN A 125 10.62 11.73 -15.53
C ASN A 125 9.35 11.25 -16.24
N LYS A 126 9.55 10.35 -17.20
CA LYS A 126 8.49 9.80 -18.07
C LYS A 126 7.39 9.09 -17.27
N GLU A 127 7.79 8.27 -16.31
CA GLU A 127 6.86 7.52 -15.47
C GLU A 127 5.97 8.43 -14.64
N GLY A 128 6.47 9.62 -14.30
CA GLY A 128 5.68 10.61 -13.58
C GLY A 128 4.59 11.19 -14.46
N ILE A 129 4.95 11.50 -15.71
CA ILE A 129 4.01 11.99 -16.71
C ILE A 129 2.92 10.94 -16.95
N LYS A 130 3.30 9.67 -17.02
CA LYS A 130 2.35 8.58 -17.22
C LYS A 130 1.32 8.53 -16.09
N TYR A 131 1.77 8.68 -14.85
CA TYR A 131 0.87 8.64 -13.72
C TYR A 131 -0.22 9.71 -13.82
N TYR A 132 0.18 10.96 -14.06
CA TYR A 132 -0.82 12.03 -14.12
C TYR A 132 -1.74 11.91 -15.33
N ASN A 133 -1.20 11.44 -16.47
CA ASN A 133 -2.03 11.08 -17.62
C ASN A 133 -3.08 10.04 -17.26
N ASN A 134 -2.66 8.99 -16.56
CA ASN A 134 -3.58 7.98 -16.06
C ASN A 134 -4.66 8.57 -15.17
N LEU A 135 -4.26 9.45 -14.25
CA LEU A 135 -5.22 10.09 -13.34
C LEU A 135 -6.21 10.93 -14.12
N ILE A 136 -5.69 11.76 -15.02
CA ILE A 136 -6.50 12.65 -15.81
C ILE A 136 -7.48 11.84 -16.69
N ASN A 137 -6.96 10.86 -17.41
CA ASN A 137 -7.79 10.02 -18.28
C ASN A 137 -8.87 9.28 -17.48
N GLU A 138 -8.50 8.76 -16.30
CA GLU A 138 -9.49 8.10 -15.46
C GLU A 138 -10.61 9.06 -15.04
N LEU A 139 -10.24 10.27 -14.64
CA LEU A 139 -11.21 11.28 -14.25
C LEU A 139 -12.18 11.61 -15.38
N LEU A 140 -11.64 11.81 -16.57
CA LEU A 140 -12.46 12.22 -17.70
C LEU A 140 -13.35 11.10 -18.19
N SER A 141 -12.84 9.87 -18.15
CA SER A 141 -13.64 8.72 -18.53
C SER A 141 -14.90 8.61 -17.66
N LYS A 142 -14.92 9.32 -16.53
CA LYS A 142 -16.06 9.28 -15.62
C LYS A 142 -16.76 10.64 -15.46
N GLY A 143 -16.46 11.55 -16.38
CA GLY A 143 -17.11 12.86 -16.42
C GLY A 143 -16.72 13.83 -15.32
N VAL A 144 -15.52 13.65 -14.76
CA VAL A 144 -15.05 14.53 -13.69
C VAL A 144 -13.98 15.45 -14.27
N GLN A 145 -14.17 16.77 -14.13
CA GLN A 145 -13.20 17.72 -14.68
C GLN A 145 -12.03 17.96 -13.71
N PRO A 146 -10.79 17.81 -14.19
CA PRO A 146 -9.59 18.06 -13.38
C PRO A 146 -9.21 19.54 -13.22
N PHE A 147 -8.98 19.94 -11.98
CA PHE A 147 -8.42 21.24 -11.67
C PHE A 147 -7.07 20.94 -11.07
N ILE A 148 -6.00 21.41 -11.71
CA ILE A 148 -4.66 21.06 -11.28
C ILE A 148 -3.86 22.21 -10.68
N THR A 149 -3.40 21.99 -9.46
CA THR A 149 -2.47 22.86 -8.77
C THR A 149 -1.05 22.43 -9.13
N LEU A 150 -0.26 23.37 -9.63
CA LEU A 150 1.14 23.08 -9.96
C LEU A 150 2.00 22.97 -8.72
N PHE A 151 1.80 23.89 -7.78
CA PHE A 151 2.60 23.91 -6.56
C PHE A 151 1.77 23.87 -5.27
N HIS A 152 1.81 22.72 -4.62
CA HIS A 152 1.20 22.53 -3.31
C HIS A 152 2.27 22.18 -2.25
N TRP A 153 3.33 22.98 -2.20
CA TRP A 153 4.37 23.00 -1.14
C TRP A 153 5.51 21.98 -1.26
N ASP A 154 5.36 21.00 -2.15
CA ASP A 154 6.35 19.95 -2.22
C ASP A 154 7.49 20.34 -3.16
N SER A 155 8.17 21.41 -2.74
CA SER A 155 9.28 22.02 -3.46
C SER A 155 10.47 21.07 -3.56
N PRO A 156 11.18 21.08 -4.70
CA PRO A 156 12.27 20.13 -4.89
C PRO A 156 13.41 20.32 -3.90
N GLN A 157 13.85 19.23 -3.28
CA GLN A 157 14.96 19.28 -2.31
C GLN A 157 16.26 19.66 -3.01
N ALA A 158 16.42 19.20 -4.24
CA ALA A 158 17.62 19.50 -5.00
C ALA A 158 17.79 21.00 -5.25
N LEU A 159 16.67 21.71 -5.43
CA LEU A 159 16.73 23.15 -5.61
C LEU A 159 16.86 23.87 -4.26
N GLU A 160 16.46 23.21 -3.18
CA GLU A 160 16.67 23.73 -1.84
C GLU A 160 18.16 23.70 -1.50
N ASP A 161 18.80 22.56 -1.80
CA ASP A 161 20.23 22.34 -1.60
C ASP A 161 21.07 23.24 -2.49
N LYS A 162 20.64 23.41 -3.73
CA LYS A 162 21.39 24.17 -4.72
C LYS A 162 21.39 25.67 -4.46
N TYR A 163 20.21 26.25 -4.19
CA TYR A 163 20.11 27.70 -3.98
C TYR A 163 19.05 28.19 -2.99
N ASN A 164 18.70 27.32 -2.02
CA ASN A 164 17.66 27.64 -1.02
C ASN A 164 16.27 27.90 -1.61
N GLY A 165 15.93 27.14 -2.66
CA GLY A 165 14.58 27.14 -3.23
C GLY A 165 14.02 28.51 -3.51
N PHE A 166 12.91 28.83 -2.86
CA PHE A 166 12.18 30.06 -3.12
C PHE A 166 12.83 31.34 -2.58
N LEU A 167 13.98 31.19 -1.92
CA LEU A 167 14.72 32.37 -1.46
C LEU A 167 15.60 32.94 -2.58
N SER A 168 15.68 32.21 -3.71
CA SER A 168 16.48 32.63 -4.85
C SER A 168 15.61 32.92 -6.06
N PRO A 169 15.90 34.01 -6.79
CA PRO A 169 15.15 34.31 -8.02
C PRO A 169 15.31 33.22 -9.10
N ASN A 170 16.20 32.25 -8.88
CA ASN A 170 16.41 31.14 -9.81
C ASN A 170 15.21 30.20 -9.87
N ILE A 171 14.41 30.21 -8.81
CA ILE A 171 13.24 29.36 -8.68
C ILE A 171 12.19 29.69 -9.75
N ILE A 172 12.15 30.95 -10.18
CA ILE A 172 11.17 31.42 -11.15
C ILE A 172 11.24 30.62 -12.44
N ASN A 173 12.44 30.57 -13.04
CA ASN A 173 12.62 29.85 -14.30
C ASN A 173 12.45 28.35 -14.21
N ASP A 174 12.91 27.78 -13.11
CA ASP A 174 12.73 26.35 -12.87
C ASP A 174 11.22 26.02 -12.74
N PHE A 175 10.49 26.86 -12.02
CA PHE A 175 9.05 26.71 -11.91
C PHE A 175 8.40 26.85 -13.27
N LYS A 176 8.85 27.85 -14.04
CA LYS A 176 8.30 28.15 -15.36
C LYS A 176 8.49 26.95 -16.28
N ASP A 177 9.67 26.33 -16.23
CA ASP A 177 10.00 25.16 -17.04
C ASP A 177 9.15 23.95 -16.61
N TYR A 178 8.92 23.82 -15.31
CA TYR A 178 8.08 22.76 -14.77
C TYR A 178 6.65 22.96 -15.26
N ALA A 179 6.13 24.17 -15.10
CA ALA A 179 4.79 24.50 -15.53
C ALA A 179 4.60 24.20 -17.01
N GLU A 180 5.55 24.61 -17.84
CA GLU A 180 5.44 24.42 -19.28
C GLU A 180 5.34 22.95 -19.67
N ILE A 181 6.10 22.09 -18.99
CA ILE A 181 6.00 20.65 -19.22
C ILE A 181 4.58 20.15 -18.91
N CYS A 182 3.94 20.72 -17.89
CA CYS A 182 2.57 20.35 -17.55
C CYS A 182 1.57 20.80 -18.63
N PHE A 183 1.77 22.01 -19.13
CA PHE A 183 0.94 22.55 -20.20
C PHE A 183 1.05 21.72 -21.46
N LYS A 184 2.27 21.32 -21.80
CA LYS A 184 2.52 20.49 -22.99
C LYS A 184 1.99 19.07 -22.83
N GLU A 185 2.18 18.49 -21.65
CA GLU A 185 1.81 17.09 -21.47
C GLU A 185 0.32 16.92 -21.22
N PHE A 186 -0.29 17.87 -20.52
CA PHE A 186 -1.64 17.67 -19.97
C PHE A 186 -2.69 18.64 -20.49
N GLY A 187 -2.25 19.79 -21.00
CA GLY A 187 -3.13 20.90 -21.34
C GLY A 187 -4.14 20.66 -22.45
N ASP A 188 -3.97 19.56 -23.19
CA ASP A 188 -4.97 19.18 -24.20
C ASP A 188 -6.29 18.80 -23.52
N ARG A 189 -6.19 18.25 -22.31
CA ARG A 189 -7.37 17.80 -21.55
C ARG A 189 -7.66 18.65 -20.32
N VAL A 190 -6.63 19.28 -19.74
CA VAL A 190 -6.80 20.03 -18.50
C VAL A 190 -7.04 21.50 -18.80
N LYS A 191 -8.16 22.03 -18.32
CA LYS A 191 -8.65 23.33 -18.75
C LYS A 191 -8.63 24.33 -17.62
N ASN A 192 -8.16 23.90 -16.46
CA ASN A 192 -8.19 24.71 -15.23
C ASN A 192 -6.89 24.53 -14.47
N TRP A 193 -6.15 25.61 -14.33
CA TRP A 193 -4.82 25.52 -13.74
C TRP A 193 -4.69 26.45 -12.56
N ILE A 194 -4.10 25.95 -11.48
CA ILE A 194 -3.76 26.78 -10.34
C ILE A 194 -2.25 26.75 -10.15
N THR A 195 -1.59 27.90 -10.13
CA THR A 195 -0.14 27.92 -10.00
C THR A 195 0.31 27.51 -8.59
N PHE A 196 -0.09 28.30 -7.59
CA PHE A 196 0.33 28.09 -6.21
C PHE A 196 -0.86 27.89 -5.27
N ASN A 197 -0.67 27.00 -4.31
CA ASN A 197 -1.63 26.85 -3.24
C ASN A 197 -1.20 27.54 -1.94
N GLU A 198 -2.08 28.39 -1.42
CA GLU A 198 -1.87 29.09 -0.14
C GLU A 198 -0.41 29.55 0.06
N PRO A 199 0.07 30.49 -0.77
CA PRO A 199 1.40 31.03 -0.51
C PRO A 199 1.58 31.60 0.89
N TRP A 200 0.50 32.14 1.47
CA TRP A 200 0.52 32.61 2.86
C TRP A 200 1.02 31.53 3.80
N THR A 201 0.34 30.37 3.75
CA THR A 201 0.66 29.26 4.64
C THR A 201 2.09 28.80 4.40
N PHE A 202 2.46 28.69 3.13
CA PHE A 202 3.78 28.25 2.77
C PHE A 202 4.86 29.19 3.32
N CYS A 203 4.67 30.49 3.14
CA CYS A 203 5.66 31.46 3.56
C CYS A 203 5.66 31.70 5.07
N SER A 204 4.49 31.88 5.67
CA SER A 204 4.39 32.10 7.12
C SER A 204 4.91 30.89 7.93
N ASN A 205 4.49 29.68 7.56
CA ASN A 205 4.92 28.50 8.30
C ASN A 205 6.29 27.96 7.92
N GLY A 206 6.68 28.16 6.67
CA GLY A 206 7.97 27.69 6.20
C GLY A 206 9.16 28.57 6.56
N TYR A 207 8.91 29.86 6.75
CA TYR A 207 9.98 30.86 6.88
C TYR A 207 9.81 31.87 8.02
N ALA A 208 8.59 31.99 8.55
CA ALA A 208 8.38 32.87 9.72
C ALA A 208 8.41 32.05 10.99
N THR A 209 7.52 31.08 11.12
CA THR A 209 7.45 30.23 12.32
C THR A 209 8.37 29.01 12.22
N GLY A 210 8.74 28.62 11.00
CA GLY A 210 9.51 27.41 10.76
C GLY A 210 8.84 26.10 11.19
N LEU A 211 7.52 26.10 11.32
CA LEU A 211 6.78 24.90 11.71
C LEU A 211 6.54 23.92 10.54
N PHE A 212 6.60 24.42 9.30
CA PHE A 212 6.47 23.57 8.10
C PHE A 212 7.80 23.56 7.37
N ALA A 213 7.96 22.62 6.45
CA ALA A 213 9.09 22.64 5.53
C ALA A 213 9.15 23.99 4.81
N PRO A 214 10.35 24.50 4.49
CA PRO A 214 11.69 23.95 4.78
C PRO A 214 12.18 24.16 6.22
N GLY A 215 11.31 24.63 7.10
CA GLY A 215 11.66 24.76 8.52
C GLY A 215 12.75 25.79 8.79
N ARG A 216 12.53 27.00 8.30
CA ARG A 216 13.43 28.12 8.54
C ARG A 216 12.76 29.15 9.42
N CYS A 217 13.54 29.77 10.30
CA CYS A 217 13.02 30.81 11.17
C CYS A 217 14.13 31.42 12.03
N SER A 218 13.83 32.58 12.63
CA SER A 218 14.72 33.20 13.61
C SER A 218 14.79 32.31 14.86
N PRO A 219 15.94 32.32 15.58
CA PRO A 219 16.13 31.36 16.66
C PRO A 219 15.06 31.45 17.75
N TRP A 220 14.62 32.66 18.06
CA TRP A 220 13.63 32.88 19.12
C TRP A 220 12.21 32.50 18.71
N GLU A 221 11.99 32.30 17.41
CA GLU A 221 10.68 31.93 16.90
C GLU A 221 10.36 30.45 17.22
N LYS A 222 9.11 30.06 16.97
CA LYS A 222 8.53 28.78 17.43
C LYS A 222 9.26 27.51 16.98
N GLY A 223 9.62 27.43 15.70
CA GLY A 223 10.32 26.27 15.14
C GLY A 223 11.72 26.05 15.69
N ASN A 224 12.24 27.05 16.39
CA ASN A 224 13.59 27.00 16.97
C ASN A 224 14.65 26.52 15.96
N CYS A 225 14.56 27.09 14.77
CA CYS A 225 15.29 26.63 13.60
C CYS A 225 16.77 26.96 13.69
N SER A 226 17.58 26.20 12.97
CA SER A 226 19.02 26.43 12.98
C SER A 226 19.44 27.55 12.00
N VAL A 227 18.62 27.78 10.98
CA VAL A 227 18.88 28.84 10.00
C VAL A 227 17.59 29.62 9.73
N GLY A 228 17.74 30.87 9.30
CA GLY A 228 16.62 31.67 8.84
C GLY A 228 16.51 33.07 9.42
N ASP A 229 15.49 33.80 8.97
CA ASP A 229 15.19 35.15 9.43
C ASP A 229 13.71 35.42 9.16
N SER A 230 12.93 35.41 10.24
CA SER A 230 11.48 35.51 10.19
C SER A 230 10.98 36.88 9.73
N GLY A 231 11.88 37.85 9.65
CA GLY A 231 11.55 39.21 9.27
C GLY A 231 11.85 39.54 7.83
N ARG A 232 12.61 38.67 7.16
CA ARG A 232 12.96 38.90 5.77
C ARG A 232 12.55 37.74 4.89
N GLU A 233 12.88 36.52 5.32
CA GLU A 233 12.69 35.34 4.47
C GLU A 233 11.23 35.07 4.00
N PRO A 234 10.20 35.22 4.87
CA PRO A 234 8.82 35.07 4.42
C PRO A 234 8.47 35.94 3.22
N TYR A 235 8.95 37.19 3.24
CA TYR A 235 8.70 38.16 2.19
C TYR A 235 9.43 37.84 0.89
N THR A 236 10.69 37.43 1.00
CA THR A 236 11.47 37.02 -0.16
C THR A 236 10.80 35.82 -0.85
N ALA A 237 10.48 34.80 -0.06
CA ALA A 237 9.84 33.58 -0.55
C ALA A 237 8.57 33.91 -1.33
N CYS A 238 7.70 34.68 -0.71
CA CYS A 238 6.41 34.97 -1.30
C CYS A 238 6.46 35.93 -2.49
N HIS A 239 7.41 36.87 -2.44
CA HIS A 239 7.72 37.74 -3.56
C HIS A 239 8.09 36.90 -4.77
N HIS A 240 8.94 35.91 -4.56
CA HIS A 240 9.38 35.02 -5.61
C HIS A 240 8.23 34.14 -6.15
N GLN A 241 7.29 33.76 -5.27
CA GLN A 241 6.12 33.00 -5.72
C GLN A 241 5.23 33.84 -6.64
N LEU A 242 5.03 35.11 -6.27
CA LEU A 242 4.24 36.03 -7.06
C LEU A 242 4.84 36.25 -8.44
N LEU A 243 6.16 36.40 -8.50
CA LEU A 243 6.84 36.58 -9.78
C LEU A 243 6.78 35.30 -10.61
N ALA A 244 6.93 34.16 -9.95
CA ALA A 244 6.85 32.88 -10.64
C ALA A 244 5.42 32.63 -11.15
N HIS A 245 4.44 33.07 -10.37
CA HIS A 245 3.06 32.99 -10.78
C HIS A 245 2.79 33.84 -12.04
N ALA A 246 3.18 35.11 -11.98
CA ALA A 246 2.93 36.06 -13.07
C ALA A 246 3.59 35.63 -14.37
N GLU A 247 4.87 35.27 -14.28
CA GLU A 247 5.64 34.73 -15.39
C GLU A 247 4.91 33.54 -16.03
N THR A 248 4.36 32.66 -15.17
CA THR A 248 3.72 31.43 -15.62
C THR A 248 2.37 31.70 -16.29
N VAL A 249 1.62 32.66 -15.76
CA VAL A 249 0.37 33.10 -16.37
C VAL A 249 0.65 33.65 -17.76
N ARG A 250 1.62 34.58 -17.80
CA ARG A 250 2.02 35.22 -19.03
C ARG A 250 2.36 34.14 -20.05
N LEU A 251 3.20 33.21 -19.65
CA LEU A 251 3.57 32.11 -20.52
C LEU A 251 2.35 31.31 -20.97
N TYR A 252 1.43 31.04 -20.05
CA TYR A 252 0.25 30.27 -20.40
C TYR A 252 -0.55 30.96 -21.47
N LYS A 253 -0.79 32.26 -21.27
CA LYS A 253 -1.57 33.05 -22.21
C LYS A 253 -0.87 33.25 -23.56
N ALA A 254 0.46 33.33 -23.53
CA ALA A 254 1.23 33.60 -24.73
C ALA A 254 1.33 32.38 -25.67
N LYS A 255 1.47 31.20 -25.09
CA LYS A 255 1.76 30.02 -25.90
C LYS A 255 0.66 28.95 -25.90
N TYR A 256 -0.15 28.90 -24.85
CA TYR A 256 -1.06 27.76 -24.62
C TYR A 256 -2.53 28.08 -24.65
N GLN A 257 -2.90 29.25 -24.13
CA GLN A 257 -4.31 29.58 -23.99
C GLN A 257 -5.10 29.64 -25.31
N ALA A 258 -4.45 30.05 -26.39
CA ALA A 258 -5.15 30.19 -27.67
C ALA A 258 -5.64 28.85 -28.18
N LEU A 259 -4.81 27.82 -28.12
CA LEU A 259 -5.19 26.52 -28.66
C LEU A 259 -5.75 25.54 -27.62
N GLN A 260 -5.42 25.74 -26.34
CA GLN A 260 -5.93 24.85 -25.29
C GLN A 260 -7.16 25.40 -24.58
N LYS A 261 -7.37 26.71 -24.70
CA LYS A 261 -8.54 27.40 -24.13
C LYS A 261 -8.87 27.01 -22.69
N GLY A 262 -7.85 26.91 -21.85
CA GLY A 262 -8.05 26.70 -20.42
C GLY A 262 -7.92 28.00 -19.66
N LYS A 263 -8.18 27.93 -18.36
CA LYS A 263 -8.05 29.07 -17.46
C LYS A 263 -6.97 28.83 -16.42
N ILE A 264 -6.29 29.90 -16.03
CA ILE A 264 -5.24 29.83 -15.01
C ILE A 264 -5.45 30.85 -13.90
N GLY A 265 -5.31 30.39 -12.66
CA GLY A 265 -5.43 31.25 -11.49
C GLY A 265 -4.46 30.86 -10.39
N ILE A 266 -4.82 31.21 -9.16
CA ILE A 266 -3.98 30.98 -7.99
C ILE A 266 -4.90 30.82 -6.79
N THR A 267 -4.48 30.00 -5.83
CA THR A 267 -5.30 29.73 -4.64
C THR A 267 -4.74 30.45 -3.42
N LEU A 268 -5.58 31.25 -2.77
CA LEU A 268 -5.21 32.02 -1.57
C LEU A 268 -6.09 31.68 -0.37
N VAL A 269 -5.51 31.61 0.83
CA VAL A 269 -6.31 31.50 2.06
C VAL A 269 -6.61 32.85 2.67
N SER A 270 -7.75 32.93 3.32
CA SER A 270 -7.99 34.00 4.24
C SER A 270 -8.91 33.52 5.34
N HIS A 271 -8.58 33.87 6.58
CA HIS A 271 -9.55 33.82 7.64
C HIS A 271 -10.48 35.02 7.45
N TRP A 272 -11.57 35.04 8.20
CA TRP A 272 -12.28 36.29 8.39
C TRP A 272 -11.85 36.89 9.72
N PHE A 273 -11.70 38.20 9.76
CA PHE A 273 -11.25 38.85 11.00
C PHE A 273 -12.33 39.72 11.64
N VAL A 274 -12.77 39.32 12.83
CA VAL A 274 -13.72 40.10 13.62
C VAL A 274 -12.94 41.02 14.56
N PRO A 275 -13.20 42.35 14.52
CA PRO A 275 -12.55 43.26 15.46
C PRO A 275 -12.78 42.77 16.89
N PHE A 276 -11.73 42.79 17.72
CA PHE A 276 -11.82 42.30 19.09
C PHE A 276 -12.90 43.01 19.91
N SER A 277 -13.01 44.33 19.71
CA SER A 277 -14.14 45.12 20.24
C SER A 277 -14.53 46.14 19.17
N ARG A 278 -15.51 46.98 19.48
CA ARG A 278 -16.04 47.97 18.53
C ARG A 278 -15.16 49.19 18.30
N SER A 279 -14.05 49.29 19.04
CA SER A 279 -13.13 50.41 18.91
C SER A 279 -12.60 50.54 17.48
N LYS A 280 -12.31 51.76 17.07
CA LYS A 280 -11.78 51.96 15.74
C LYS A 280 -10.39 51.32 15.58
N SER A 281 -9.61 51.29 16.64
CA SER A 281 -8.26 50.71 16.54
C SER A 281 -8.32 49.19 16.36
N ASN A 282 -9.33 48.55 16.95
CA ASN A 282 -9.56 47.11 16.71
C ASN A 282 -10.12 46.81 15.33
N ASN A 283 -10.94 47.73 14.83
CA ASN A 283 -11.39 47.68 13.44
C ASN A 283 -10.20 47.82 12.47
N ASP A 284 -9.27 48.71 12.79
CA ASP A 284 -8.10 48.91 11.93
C ASP A 284 -7.08 47.76 12.03
N ALA A 285 -7.10 47.05 13.15
CA ALA A 285 -6.32 45.82 13.32
C ALA A 285 -6.85 44.68 12.43
N ALA A 286 -8.17 44.48 12.42
CA ALA A 286 -8.80 43.48 11.55
C ALA A 286 -8.50 43.75 10.08
N LYS A 287 -8.49 45.04 9.72
CA LYS A 287 -8.14 45.44 8.36
C LYS A 287 -6.67 45.15 8.08
N ARG A 288 -5.82 45.37 9.07
CA ARG A 288 -4.39 45.05 8.91
C ARG A 288 -4.15 43.54 8.85
N ALA A 289 -4.85 42.77 9.67
CA ALA A 289 -4.76 41.29 9.62
C ALA A 289 -5.07 40.72 8.23
N ILE A 290 -6.16 41.18 7.63
CA ILE A 290 -6.54 40.76 6.27
C ILE A 290 -5.58 41.27 5.19
N ASP A 291 -5.07 42.50 5.34
CA ASP A 291 -4.03 43.01 4.46
C ASP A 291 -2.78 42.12 4.48
N PHE A 292 -2.44 41.62 5.66
CA PHE A 292 -1.21 40.85 5.82
C PHE A 292 -1.33 39.41 5.37
N MET A 293 -2.49 38.80 5.63
CA MET A 293 -2.72 37.42 5.25
C MET A 293 -3.10 37.32 3.78
N PHE A 294 -3.99 38.20 3.36
CA PHE A 294 -4.69 38.05 2.10
C PHE A 294 -4.29 39.11 1.07
N GLY A 295 -4.33 40.38 1.49
CA GLY A 295 -3.97 41.50 0.63
C GLY A 295 -2.55 41.38 0.11
N TRP A 296 -1.72 40.73 0.92
CA TRP A 296 -0.34 40.39 0.57
C TRP A 296 -0.26 39.88 -0.87
N PHE A 297 -1.27 39.14 -1.30
CA PHE A 297 -1.28 38.59 -2.65
C PHE A 297 -2.31 39.27 -3.51
N MET A 298 -3.45 39.62 -2.93
CA MET A 298 -4.53 40.22 -3.69
C MET A 298 -4.19 41.59 -4.26
N ASP A 299 -3.57 42.45 -3.45
CA ASP A 299 -3.24 43.80 -3.88
C ASP A 299 -2.27 43.81 -5.07
N PRO A 300 -1.17 43.04 -4.99
CA PRO A 300 -0.34 42.92 -6.19
C PRO A 300 -1.13 42.42 -7.42
N LEU A 301 -2.06 41.51 -7.23
CA LEU A 301 -2.81 40.94 -8.35
C LEU A 301 -3.85 41.87 -8.95
N ILE A 302 -4.46 42.70 -8.11
CA ILE A 302 -5.52 43.63 -8.55
C ILE A 302 -4.99 45.04 -8.84
N ARG A 303 -4.11 45.55 -7.97
CA ARG A 303 -3.65 46.95 -8.02
C ARG A 303 -2.17 47.10 -8.41
N GLY A 304 -1.46 45.98 -8.54
CA GLY A 304 -0.07 45.99 -8.98
C GLY A 304 0.99 46.31 -7.93
N ASP A 305 0.61 46.37 -6.65
CA ASP A 305 1.57 46.54 -5.58
C ASP A 305 1.05 45.96 -4.27
N TYR A 306 1.95 45.72 -3.32
CA TYR A 306 1.57 45.25 -1.98
C TYR A 306 0.67 46.25 -1.28
N PRO A 307 -0.11 45.80 -0.28
CA PRO A 307 -0.95 46.72 0.49
C PRO A 307 -0.14 47.86 1.13
N LEU A 308 -0.79 49.01 1.31
CA LEU A 308 -0.21 50.19 1.92
C LEU A 308 0.36 49.93 3.31
N SER A 309 -0.46 49.32 4.17
CA SER A 309 -0.05 48.99 5.53
C SER A 309 1.16 48.05 5.54
N MET A 310 1.29 47.20 4.53
CA MET A 310 2.47 46.34 4.41
C MET A 310 3.74 47.12 4.04
N ARG A 311 3.66 47.97 3.02
CA ARG A 311 4.82 48.79 2.65
C ARG A 311 5.26 49.75 3.76
N GLY A 312 4.29 50.28 4.50
CA GLY A 312 4.56 51.19 5.61
C GLY A 312 5.21 50.52 6.80
N LEU A 313 4.65 49.40 7.22
CA LEU A 313 5.09 48.73 8.45
C LEU A 313 6.33 47.87 8.28
N VAL A 314 6.54 47.33 7.08
CA VAL A 314 7.61 46.37 6.84
C VAL A 314 8.86 47.08 6.27
N GLY A 315 8.64 48.20 5.58
CA GLY A 315 9.71 49.02 5.03
C GLY A 315 10.60 48.27 4.07
N ASN A 316 11.91 48.42 4.24
CA ASN A 316 12.88 47.81 3.33
C ASN A 316 13.06 46.29 3.54
N ARG A 317 12.31 45.71 4.46
CA ARG A 317 12.25 44.24 4.58
C ARG A 317 11.32 43.59 3.55
N LEU A 318 10.36 44.38 3.05
CA LEU A 318 9.48 44.00 1.94
C LEU A 318 10.14 44.36 0.61
N PRO A 319 10.36 43.36 -0.27
CA PRO A 319 10.88 43.66 -1.60
C PRO A 319 9.93 44.57 -2.39
N GLN A 320 10.46 45.20 -3.42
CA GLN A 320 9.68 46.10 -4.25
C GLN A 320 9.62 45.61 -5.68
N PHE A 321 8.43 45.73 -6.28
CA PHE A 321 8.28 45.42 -7.69
C PHE A 321 8.85 46.55 -8.50
N THR A 322 9.57 46.21 -9.56
CA THR A 322 9.94 47.18 -10.60
C THR A 322 8.66 47.55 -11.36
N LYS A 323 8.74 48.57 -12.22
CA LYS A 323 7.58 49.01 -12.98
C LYS A 323 7.10 47.88 -13.90
N GLU A 324 8.05 47.17 -14.51
CA GLU A 324 7.75 46.05 -15.41
C GLU A 324 7.11 44.88 -14.66
N GLN A 325 7.60 44.61 -13.46
CA GLN A 325 7.09 43.53 -12.62
C GLN A 325 5.66 43.82 -12.17
N SER A 326 5.44 45.07 -11.79
CA SER A 326 4.12 45.53 -11.38
C SER A 326 3.07 45.32 -12.49
N LYS A 327 3.44 45.70 -13.71
CA LYS A 327 2.58 45.50 -14.88
C LYS A 327 2.27 44.02 -15.08
N LEU A 328 3.29 43.18 -14.94
CA LEU A 328 3.16 41.74 -15.14
C LEU A 328 2.26 41.04 -14.12
N VAL A 329 2.36 41.47 -12.86
CA VAL A 329 1.60 40.87 -11.77
C VAL A 329 0.15 41.34 -11.78
N LYS A 330 -0.07 42.62 -12.05
CA LYS A 330 -1.42 43.19 -12.08
C LYS A 330 -2.25 42.51 -13.16
N GLY A 331 -3.42 41.99 -12.77
CA GLY A 331 -4.34 41.32 -13.68
C GLY A 331 -3.89 39.96 -14.21
N ALA A 332 -2.86 39.37 -13.60
CA ALA A 332 -2.34 38.08 -14.05
C ALA A 332 -3.12 36.89 -13.47
N PHE A 333 -4.38 36.76 -13.89
CA PHE A 333 -5.25 35.67 -13.47
C PHE A 333 -6.55 35.64 -14.26
N ASP A 334 -7.15 34.45 -14.37
CA ASP A 334 -8.48 34.28 -14.95
C ASP A 334 -9.51 34.16 -13.85
N PHE A 335 -9.08 33.60 -12.71
CA PHE A 335 -9.90 33.44 -11.51
C PHE A 335 -9.01 33.44 -10.29
N ILE A 336 -9.59 33.65 -9.12
CA ILE A 336 -8.90 33.46 -7.88
C ILE A 336 -9.53 32.29 -7.14
N GLY A 337 -8.70 31.32 -6.78
CA GLY A 337 -9.09 30.26 -5.87
C GLY A 337 -9.03 30.80 -4.46
N LEU A 338 -10.06 30.50 -3.68
CA LEU A 338 -10.19 31.03 -2.34
C LEU A 338 -10.40 29.87 -1.37
N ASN A 339 -9.57 29.81 -0.33
CA ASN A 339 -9.73 28.82 0.73
C ASN A 339 -10.23 29.51 2.00
N TYR A 340 -11.28 28.96 2.59
CA TYR A 340 -11.82 29.49 3.82
C TYR A 340 -12.06 28.38 4.82
N TYR A 341 -11.65 28.61 6.07
CA TYR A 341 -11.87 27.67 7.17
C TYR A 341 -12.48 28.29 8.41
N THR A 342 -12.01 29.48 8.79
CA THR A 342 -12.33 30.06 10.09
C THR A 342 -12.25 31.56 10.15
N ALA A 343 -12.53 32.06 11.35
CA ALA A 343 -12.40 33.46 11.71
C ALA A 343 -11.48 33.60 12.92
N ASN A 344 -10.75 34.72 12.97
CA ASN A 344 -9.99 35.12 14.16
C ASN A 344 -10.48 36.48 14.67
N TYR A 345 -10.50 36.66 15.98
CA TYR A 345 -10.56 38.01 16.54
C TYR A 345 -9.25 38.72 16.27
N ALA A 346 -9.33 40.01 15.97
CA ALA A 346 -8.16 40.84 15.74
C ALA A 346 -8.13 42.02 16.73
N ASP A 347 -6.99 42.13 17.41
CA ASP A 347 -6.78 43.08 18.48
C ASP A 347 -5.52 43.87 18.19
N ASN A 348 -5.53 45.16 18.56
CA ASN A 348 -4.40 46.03 18.29
C ASN A 348 -3.18 45.67 19.15
N LEU A 349 -2.00 45.84 18.57
CA LEU A 349 -0.76 45.52 19.24
C LEU A 349 0.21 46.68 19.07
N PRO A 350 0.86 47.12 20.16
CA PRO A 350 1.95 48.09 20.09
C PRO A 350 3.21 47.47 19.44
N PRO A 351 3.95 48.23 18.67
CA PRO A 351 5.25 47.76 18.19
C PRO A 351 6.21 47.36 19.29
N SER A 352 6.96 46.28 19.08
CA SER A 352 7.57 45.47 20.16
C SER A 352 8.79 46.11 20.83
N ASN A 353 9.84 46.32 20.06
CA ASN A 353 9.75 47.34 19.10
C ASN A 353 10.87 47.53 18.13
N GLY A 354 11.54 46.46 17.74
CA GLY A 354 12.97 46.49 17.86
C GLY A 354 13.75 45.37 17.25
N LEU A 355 14.07 44.38 18.04
CA LEU A 355 15.00 43.41 17.44
C LEU A 355 14.40 42.03 17.18
N ASN A 356 13.09 41.91 17.37
CA ASN A 356 12.39 40.65 17.15
C ASN A 356 11.43 40.74 15.96
N ASN A 357 11.87 41.38 14.90
CA ASN A 357 11.04 41.50 13.69
C ASN A 357 10.68 40.14 13.11
N SER A 358 9.38 39.86 13.07
CA SER A 358 8.85 38.64 12.44
C SER A 358 7.58 38.96 11.65
N TYR A 359 7.41 38.29 10.51
CA TYR A 359 6.17 38.40 9.75
C TYR A 359 4.97 38.19 10.68
N THR A 360 5.10 37.29 11.65
CA THR A 360 4.01 36.98 12.56
C THR A 360 3.47 38.22 13.25
N THR A 361 4.36 39.08 13.76
CA THR A 361 3.94 40.26 14.50
C THR A 361 3.92 41.54 13.67
N ASP A 362 4.51 41.49 12.46
CA ASP A 362 4.65 42.69 11.62
C ASP A 362 3.37 43.48 11.41
N SER A 363 2.24 42.78 11.46
CA SER A 363 0.92 43.38 11.23
C SER A 363 0.43 44.28 12.36
N ARG A 364 1.06 44.19 13.53
CA ARG A 364 0.59 44.87 14.76
C ARG A 364 -0.85 44.49 15.07
N ALA A 365 -1.25 43.31 14.63
CA ALA A 365 -2.54 42.77 14.97
C ALA A 365 -2.33 41.45 15.72
N ASN A 366 -2.96 41.32 16.88
CA ASN A 366 -2.90 40.11 17.67
C ASN A 366 -4.10 39.21 17.39
N LEU A 367 -3.83 38.00 16.91
CA LEU A 367 -4.89 37.10 16.46
C LEU A 367 -5.20 36.05 17.51
N THR A 368 -6.48 35.92 17.85
CA THR A 368 -6.96 34.89 18.79
C THR A 368 -8.30 34.33 18.30
N GLY A 369 -8.63 33.12 18.73
CA GLY A 369 -9.94 32.53 18.46
C GLY A 369 -10.85 32.57 19.66
N VAL A 370 -10.33 33.06 20.78
CA VAL A 370 -11.09 33.13 22.02
C VAL A 370 -11.09 34.57 22.54
N ARG A 371 -12.24 35.00 23.04
CA ARG A 371 -12.40 36.34 23.60
C ARG A 371 -13.15 36.24 24.91
N ASN A 372 -12.48 36.68 25.99
CA ASN A 372 -12.98 36.56 27.35
C ASN A 372 -13.48 35.14 27.64
N GLY A 373 -12.64 34.15 27.34
CA GLY A 373 -12.96 32.75 27.58
C GLY A 373 -14.01 32.13 26.68
N ILE A 374 -14.53 32.92 25.73
CA ILE A 374 -15.56 32.45 24.79
C ILE A 374 -14.96 32.24 23.39
N PRO A 375 -15.05 31.01 22.88
CA PRO A 375 -14.49 30.74 21.56
C PRO A 375 -15.40 31.29 20.48
N ILE A 376 -14.80 31.92 19.48
CA ILE A 376 -15.53 32.52 18.36
C ILE A 376 -16.55 31.57 17.71
N GLY A 377 -16.24 30.27 17.73
CA GLY A 377 -17.13 29.22 17.27
C GLY A 377 -16.61 27.90 17.84
N PRO A 378 -17.39 26.82 17.73
CA PRO A 378 -16.90 25.51 18.18
C PRO A 378 -15.53 25.17 17.57
N GLN A 379 -14.64 24.64 18.39
CA GLN A 379 -13.30 24.29 17.95
C GLN A 379 -13.27 22.89 17.35
N ALA A 380 -12.68 22.75 16.18
CA ALA A 380 -12.53 21.45 15.53
C ALA A 380 -11.29 20.73 16.07
N ALA A 381 -10.88 19.64 15.42
CA ALA A 381 -9.73 18.86 15.86
C ALA A 381 -8.42 19.63 15.72
N SER A 382 -8.30 20.37 14.61
CA SER A 382 -7.23 21.35 14.45
C SER A 382 -7.46 22.48 15.43
N PRO A 383 -6.43 22.81 16.24
CA PRO A 383 -6.63 23.82 17.29
C PRO A 383 -6.85 25.23 16.71
N TRP A 384 -6.38 25.47 15.50
CA TRP A 384 -6.59 26.74 14.82
C TRP A 384 -7.97 26.86 14.11
N LEU A 385 -8.70 25.76 14.01
CA LEU A 385 -9.96 25.72 13.26
C LEU A 385 -11.21 25.87 14.14
N TYR A 386 -11.80 27.05 14.08
CA TYR A 386 -13.05 27.36 14.78
C TYR A 386 -14.18 27.52 13.77
N VAL A 387 -15.31 26.89 14.04
CA VAL A 387 -16.44 26.86 13.10
C VAL A 387 -17.25 28.16 13.13
N TYR A 388 -17.14 28.94 12.07
CA TYR A 388 -17.77 30.24 12.01
C TYR A 388 -18.23 30.48 10.58
N PRO A 389 -19.38 29.89 10.20
CA PRO A 389 -19.91 29.99 8.84
C PRO A 389 -20.18 31.42 8.38
N GLN A 390 -20.54 32.31 9.31
CA GLN A 390 -20.78 33.73 9.02
C GLN A 390 -19.65 34.38 8.23
N GLY A 391 -18.40 34.07 8.61
CA GLY A 391 -17.22 34.72 8.04
C GLY A 391 -16.97 34.33 6.60
N PHE A 392 -17.55 33.20 6.20
CA PHE A 392 -17.46 32.74 4.83
C PHE A 392 -18.12 33.79 3.93
N ARG A 393 -19.35 34.14 4.29
CA ARG A 393 -20.10 35.16 3.57
C ARG A 393 -19.36 36.49 3.60
N ASP A 394 -18.95 36.88 4.81
CA ASP A 394 -18.23 38.13 5.06
C ASP A 394 -16.99 38.29 4.18
N LEU A 395 -16.21 37.22 4.06
CA LEU A 395 -15.02 37.19 3.21
C LEU A 395 -15.38 37.39 1.75
N LEU A 396 -16.39 36.64 1.30
CA LEU A 396 -16.81 36.68 -0.10
C LEU A 396 -17.32 38.05 -0.53
N LEU A 397 -18.05 38.72 0.37
CA LEU A 397 -18.51 40.06 0.10
C LEU A 397 -17.38 41.11 0.21
N TYR A 398 -16.46 40.91 1.14
CA TYR A 398 -15.27 41.74 1.21
C TYR A 398 -14.52 41.67 -0.12
N VAL A 399 -14.39 40.48 -0.69
CA VAL A 399 -13.71 40.31 -1.96
C VAL A 399 -14.48 41.03 -3.06
N LYS A 400 -15.80 40.83 -3.08
CA LYS A 400 -16.68 41.51 -4.03
C LYS A 400 -16.49 43.04 -4.00
N GLU A 401 -16.59 43.63 -2.81
CA GLU A 401 -16.61 45.09 -2.65
C GLU A 401 -15.26 45.76 -2.83
N ASN A 402 -14.19 45.06 -2.50
CA ASN A 402 -12.88 45.69 -2.42
C ASN A 402 -11.90 45.35 -3.54
N TYR A 403 -12.20 44.29 -4.29
CA TYR A 403 -11.28 43.82 -5.32
C TYR A 403 -11.91 43.71 -6.71
N GLY A 404 -13.03 44.38 -6.92
CA GLY A 404 -13.70 44.41 -8.22
C GLY A 404 -14.37 43.12 -8.60
N ASN A 405 -14.84 42.38 -7.59
CA ASN A 405 -15.62 41.14 -7.77
C ASN A 405 -15.07 40.19 -8.85
N PRO A 406 -13.86 39.65 -8.64
CA PRO A 406 -13.26 38.76 -9.62
C PRO A 406 -13.90 37.38 -9.62
N THR A 407 -13.67 36.62 -10.70
CA THR A 407 -14.11 35.24 -10.78
C THR A 407 -13.41 34.43 -9.68
N VAL A 408 -14.21 33.83 -8.83
CA VAL A 408 -13.73 33.08 -7.70
C VAL A 408 -14.22 31.63 -7.76
N TYR A 409 -13.34 30.70 -7.43
CA TYR A 409 -13.75 29.34 -7.07
C TYR A 409 -13.37 29.12 -5.61
N ILE A 410 -14.23 28.48 -4.85
CA ILE A 410 -13.87 28.06 -3.50
C ILE A 410 -13.07 26.78 -3.65
N THR A 411 -11.74 26.90 -3.55
CA THR A 411 -10.84 25.77 -3.79
C THR A 411 -10.63 24.86 -2.57
N GLU A 412 -10.93 25.35 -1.37
CA GLU A 412 -10.92 24.52 -0.15
C GLU A 412 -11.88 25.03 0.91
N ASN A 413 -12.63 24.10 1.50
CA ASN A 413 -13.48 24.36 2.68
C ASN A 413 -13.76 23.01 3.34
N GLY A 414 -13.62 22.96 4.67
CA GLY A 414 -13.79 21.70 5.40
C GLY A 414 -13.41 21.73 6.87
N VAL A 415 -13.53 20.58 7.53
CA VAL A 415 -13.22 20.40 8.96
C VAL A 415 -12.63 19.05 9.26
N ASP A 416 -12.09 18.91 10.47
CA ASP A 416 -11.47 17.68 10.91
C ASP A 416 -11.96 17.17 12.27
N GLU A 417 -11.90 15.86 12.44
CA GLU A 417 -12.09 15.23 13.75
C GLU A 417 -10.77 14.54 14.07
N PHE A 418 -10.58 14.20 15.33
CA PHE A 418 -9.41 13.44 15.74
C PHE A 418 -9.37 12.04 15.14
N ASN A 419 -8.16 11.58 14.84
CA ASN A 419 -7.91 10.19 14.58
C ASN A 419 -7.88 9.47 15.94
N ASN A 420 -8.80 8.53 16.12
CA ASN A 420 -8.98 7.87 17.38
C ASN A 420 -8.93 6.36 17.20
N LYS A 421 -7.81 5.77 17.58
CA LYS A 421 -7.60 4.33 17.38
C LYS A 421 -8.50 3.44 18.28
N THR A 422 -9.18 4.04 19.25
CA THR A 422 -10.03 3.29 20.18
C THR A 422 -11.49 3.14 19.71
N LEU A 423 -11.95 4.07 18.87
CA LEU A 423 -13.29 3.98 18.30
C LEU A 423 -13.40 2.80 17.33
N PRO A 424 -14.50 2.02 17.44
CA PRO A 424 -14.83 1.06 16.38
C PRO A 424 -15.12 1.77 15.05
N LEU A 425 -14.92 1.07 13.94
CA LEU A 425 -15.02 1.66 12.59
C LEU A 425 -16.32 2.42 12.35
N GLN A 426 -17.46 1.79 12.64
CA GLN A 426 -18.77 2.37 12.37
C GLN A 426 -19.07 3.66 13.15
N GLU A 427 -18.45 3.83 14.33
CA GLU A 427 -18.58 5.09 15.08
C GLU A 427 -17.73 6.20 14.46
N ALA A 428 -16.60 5.80 13.88
CA ALA A 428 -15.70 6.74 13.24
C ALA A 428 -16.30 7.32 11.97
N LEU A 429 -17.18 6.54 11.32
CA LEU A 429 -17.82 6.95 10.07
C LEU A 429 -18.95 7.97 10.28
N LYS A 430 -19.37 8.13 11.53
CA LYS A 430 -20.46 9.03 11.85
C LYS A 430 -19.97 10.46 12.06
N ASP A 431 -19.78 11.18 10.96
CA ASP A 431 -19.22 12.52 11.03
C ASP A 431 -20.28 13.62 10.94
N ASP A 432 -21.22 13.59 11.88
CA ASP A 432 -22.30 14.57 11.93
C ASP A 432 -21.79 16.02 12.01
N ALA A 433 -20.71 16.23 12.77
CA ALA A 433 -20.06 17.51 12.85
C ALA A 433 -19.62 18.06 11.47
N ARG A 434 -19.12 17.16 10.61
CA ARG A 434 -18.75 17.53 9.24
C ARG A 434 -19.96 17.91 8.38
N ILE A 435 -21.04 17.15 8.49
CA ILE A 435 -22.30 17.42 7.80
C ILE A 435 -22.78 18.82 8.20
N GLU A 436 -22.81 19.06 9.50
CA GLU A 436 -23.21 20.34 10.04
C GLU A 436 -22.34 21.46 9.46
N TYR A 437 -21.02 21.23 9.43
CA TYR A 437 -20.08 22.20 8.88
C TYR A 437 -20.41 22.56 7.44
N TYR A 438 -20.66 21.55 6.62
CA TYR A 438 -20.92 21.78 5.21
C TYR A 438 -22.28 22.41 4.97
N HIS A 439 -23.26 21.98 5.77
CA HIS A 439 -24.60 22.52 5.71
C HIS A 439 -24.61 24.05 5.90
N LYS A 440 -23.96 24.52 6.96
CA LYS A 440 -23.95 25.94 7.28
C LYS A 440 -23.10 26.75 6.31
N HIS A 441 -21.96 26.19 5.92
CA HIS A 441 -21.05 26.88 5.00
C HIS A 441 -21.61 26.99 3.59
N LEU A 442 -22.33 25.97 3.15
CA LEU A 442 -22.97 26.02 1.84
C LEU A 442 -24.13 27.01 1.82
N LEU A 443 -24.85 27.13 2.94
CA LEU A 443 -25.92 28.13 3.07
C LEU A 443 -25.34 29.52 3.01
N SER A 444 -24.27 29.71 3.77
CA SER A 444 -23.55 30.96 3.83
C SER A 444 -22.97 31.31 2.45
N LEU A 445 -22.47 30.32 1.74
CA LEU A 445 -21.99 30.54 0.37
C LEU A 445 -23.13 30.95 -0.56
N LEU A 446 -24.25 30.24 -0.47
CA LEU A 446 -25.44 30.56 -1.28
C LEU A 446 -25.91 32.00 -1.10
N SER A 447 -26.03 32.44 0.14
CA SER A 447 -26.49 33.80 0.44
C SER A 447 -25.55 34.86 -0.15
N ALA A 448 -24.25 34.58 -0.11
CA ALA A 448 -23.26 35.48 -0.68
C ALA A 448 -23.38 35.56 -2.19
N ILE A 449 -23.69 34.41 -2.81
CA ILE A 449 -23.87 34.35 -4.25
C ILE A 449 -25.14 35.11 -4.63
N ARG A 450 -26.19 34.94 -3.83
CA ARG A 450 -27.45 35.65 -4.06
C ARG A 450 -27.29 37.17 -3.88
N ASP A 451 -26.31 37.57 -3.08
CA ASP A 451 -25.98 38.99 -2.92
C ASP A 451 -24.89 39.48 -3.87
N GLY A 452 -24.56 38.67 -4.87
CA GLY A 452 -23.74 39.14 -6.00
C GLY A 452 -22.29 38.69 -6.10
N ALA A 453 -21.86 37.82 -5.19
CA ALA A 453 -20.50 37.29 -5.23
C ALA A 453 -20.25 36.43 -6.47
N ASN A 454 -19.18 36.76 -7.18
CA ASN A 454 -18.85 36.15 -8.46
C ASN A 454 -18.18 34.78 -8.31
N VAL A 455 -18.91 33.82 -7.72
CA VAL A 455 -18.38 32.49 -7.38
C VAL A 455 -18.93 31.41 -8.33
N LYS A 456 -18.04 30.62 -8.92
CA LYS A 456 -18.38 29.69 -9.99
C LYS A 456 -18.35 28.21 -9.58
N GLY A 457 -17.74 27.91 -8.44
CA GLY A 457 -17.60 26.54 -8.01
C GLY A 457 -17.11 26.40 -6.59
N TYR A 458 -17.13 25.16 -6.10
CA TYR A 458 -16.83 24.89 -4.71
C TYR A 458 -16.18 23.52 -4.54
N PHE A 459 -15.01 23.51 -3.92
CA PHE A 459 -14.31 22.26 -3.64
C PHE A 459 -14.16 22.02 -2.15
N ALA A 460 -14.62 20.86 -1.72
CA ALA A 460 -14.53 20.50 -0.33
C ALA A 460 -13.16 19.92 -0.01
N TRP A 461 -12.55 20.40 1.07
CA TRP A 461 -11.38 19.73 1.63
C TRP A 461 -11.81 18.74 2.73
N SER A 462 -11.63 17.44 2.51
CA SER A 462 -11.08 16.87 1.28
C SER A 462 -11.74 15.51 0.99
N LEU A 463 -11.38 14.88 -0.13
CA LEU A 463 -12.00 13.63 -0.54
C LEU A 463 -11.73 12.53 0.45
N LEU A 464 -10.45 12.38 0.78
CA LEU A 464 -9.98 11.35 1.70
C LEU A 464 -9.29 11.94 2.91
N ASP A 465 -9.22 11.18 4.01
CA ASP A 465 -8.29 11.47 5.09
C ASP A 465 -6.91 11.37 4.49
N ASN A 466 -5.99 12.18 4.98
CA ASN A 466 -4.68 12.30 4.37
C ASN A 466 -3.66 12.86 5.36
N PHE A 467 -2.42 12.99 4.89
CA PHE A 467 -1.34 13.56 5.70
C PHE A 467 -1.58 15.04 5.97
N GLU A 468 -1.86 15.39 7.21
CA GLU A 468 -2.16 16.79 7.53
C GLU A 468 -0.93 17.51 8.09
N TRP A 469 0.12 17.54 7.28
CA TRP A 469 1.34 18.29 7.54
C TRP A 469 1.88 18.07 8.95
N SER A 470 2.07 19.15 9.72
CA SER A 470 2.67 19.04 11.06
C SER A 470 1.77 18.30 12.03
N ASN A 471 0.53 18.04 11.63
CA ASN A 471 -0.37 17.19 12.42
C ASN A 471 -0.38 15.70 12.05
N GLY A 472 0.38 15.35 11.01
CA GLY A 472 0.46 13.98 10.53
C GLY A 472 -0.91 13.37 10.30
N TYR A 473 -1.11 12.19 10.88
CA TYR A 473 -2.37 11.47 10.73
C TYR A 473 -3.23 11.52 12.00
N THR A 474 -2.94 12.48 12.89
CA THR A 474 -3.66 12.62 14.16
C THR A 474 -5.02 13.24 13.95
N VAL A 475 -5.27 13.65 12.72
CA VAL A 475 -6.42 14.46 12.40
C VAL A 475 -6.96 14.02 11.04
N ARG A 476 -8.28 13.97 10.90
CA ARG A 476 -8.93 13.46 9.69
C ARG A 476 -9.88 14.47 9.03
N PHE A 477 -9.56 14.91 7.82
CA PHE A 477 -10.35 15.91 7.13
C PHE A 477 -11.31 15.31 6.09
N GLY A 478 -11.19 14.02 5.83
CA GLY A 478 -11.87 13.37 4.70
C GLY A 478 -13.38 13.24 4.76
N ILE A 479 -14.00 13.28 3.59
CA ILE A 479 -15.38 12.88 3.44
C ILE A 479 -15.40 11.33 3.41
N ASN A 480 -14.28 10.73 3.05
CA ASN A 480 -14.11 9.29 3.09
C ASN A 480 -12.99 8.93 4.08
N PHE A 481 -13.24 7.89 4.87
CA PHE A 481 -12.28 7.40 5.84
C PHE A 481 -11.19 6.59 5.16
N VAL A 482 -9.95 6.75 5.62
CA VAL A 482 -8.85 5.91 5.16
C VAL A 482 -8.32 5.13 6.35
N ASP A 483 -8.33 3.80 6.23
CA ASP A 483 -7.81 2.95 7.29
C ASP A 483 -6.34 2.70 7.08
N TYR A 484 -5.52 3.52 7.73
CA TYR A 484 -4.07 3.39 7.62
C TYR A 484 -3.52 2.07 8.13
N ASN A 485 -4.29 1.38 8.96
CA ASN A 485 -3.85 0.09 9.50
C ASN A 485 -4.43 -1.13 8.79
N ASP A 486 -5.16 -0.88 7.70
CA ASP A 486 -5.73 -1.93 6.91
C ASP A 486 -5.60 -1.58 5.44
N GLY A 487 -4.34 -1.43 5.00
CA GLY A 487 -3.98 -1.26 3.60
C GLY A 487 -4.53 -0.02 2.95
N ARG A 488 -4.86 0.98 3.77
CA ARG A 488 -5.45 2.26 3.29
C ARG A 488 -6.81 2.08 2.61
N LYS A 489 -7.58 1.08 3.05
CA LYS A 489 -8.93 0.89 2.54
C LYS A 489 -9.77 2.14 2.75
N ARG A 490 -10.60 2.47 1.77
CA ARG A 490 -11.48 3.64 1.85
C ARG A 490 -12.86 3.23 2.34
N TYR A 491 -13.44 4.03 3.22
CA TYR A 491 -14.83 3.85 3.63
C TYR A 491 -15.54 5.18 3.57
N PRO A 492 -16.70 5.22 2.91
CA PRO A 492 -17.49 6.44 2.93
C PRO A 492 -17.94 6.80 4.36
N LYS A 493 -17.78 8.05 4.76
CA LYS A 493 -18.34 8.54 6.03
C LYS A 493 -19.80 8.94 5.80
N ASN A 494 -20.53 9.27 6.85
CA ASN A 494 -21.89 9.76 6.70
C ASN A 494 -22.00 10.95 5.74
N SER A 495 -21.02 11.86 5.81
CA SER A 495 -20.98 13.06 4.97
C SER A 495 -20.94 12.72 3.48
N ALA A 496 -20.36 11.57 3.15
CA ALA A 496 -20.36 11.08 1.78
C ALA A 496 -21.79 10.90 1.26
N HIS A 497 -22.61 10.19 2.03
CA HIS A 497 -24.01 10.02 1.75
C HIS A 497 -24.72 11.37 1.66
N TRP A 498 -24.39 12.28 2.58
CA TRP A 498 -25.00 13.60 2.61
C TRP A 498 -24.74 14.37 1.32
N PHE A 499 -23.51 14.27 0.82
CA PHE A 499 -23.15 14.92 -0.43
C PHE A 499 -23.80 14.28 -1.64
N LYS A 500 -24.02 12.96 -1.60
CA LYS A 500 -24.73 12.28 -2.67
C LYS A 500 -26.13 12.85 -2.83
N LYS A 501 -26.85 12.98 -1.71
CA LYS A 501 -28.17 13.62 -1.67
C LYS A 501 -28.08 15.03 -2.23
N PHE A 502 -27.18 15.83 -1.66
CA PHE A 502 -27.00 17.23 -2.03
C PHE A 502 -26.72 17.43 -3.52
N LEU A 503 -26.01 16.48 -4.12
CA LEU A 503 -25.52 16.63 -5.49
C LEU A 503 -26.47 16.10 -6.56
N LEU A 504 -27.62 15.60 -6.11
CA LEU A 504 -28.65 15.05 -6.99
C LEU A 504 -29.17 16.05 -7.99
N LYS A 505 -29.26 15.51 -9.21
CA LYS A 505 -29.64 16.13 -10.46
C LYS A 505 -28.65 17.15 -10.98
N PRO B 28 24.25 -27.86 19.56
CA PRO B 28 25.02 -26.60 19.59
C PRO B 28 25.73 -26.30 18.26
N VAL B 29 25.30 -27.03 17.25
CA VAL B 29 25.07 -26.61 15.85
C VAL B 29 25.07 -25.11 15.47
N SER B 30 25.69 -24.85 14.33
CA SER B 30 25.68 -23.55 13.66
C SER B 30 25.84 -23.86 12.16
N ARG B 31 25.82 -22.83 11.31
CA ARG B 31 26.02 -23.06 9.89
C ARG B 31 27.35 -23.78 9.60
N ARG B 32 28.36 -23.51 10.44
CA ARG B 32 29.68 -24.15 10.33
C ARG B 32 29.61 -25.67 10.43
N SER B 33 28.57 -26.19 11.09
CA SER B 33 28.32 -27.63 11.15
C SER B 33 27.93 -28.21 9.81
N PHE B 34 27.41 -27.38 8.91
CA PHE B 34 26.81 -27.86 7.66
C PHE B 34 27.82 -27.87 6.51
N PRO B 35 27.57 -28.70 5.47
CA PRO B 35 28.51 -28.74 4.36
C PRO B 35 28.76 -27.36 3.78
N LYS B 36 29.94 -27.19 3.19
CA LYS B 36 30.31 -25.97 2.48
C LYS B 36 29.36 -25.78 1.29
N GLY B 37 28.91 -24.55 1.07
CA GLY B 37 27.94 -24.27 0.01
C GLY B 37 26.47 -24.44 0.39
N PHE B 38 26.22 -24.96 1.61
CA PHE B 38 24.86 -25.20 2.08
C PHE B 38 24.07 -23.90 2.18
N ILE B 39 22.82 -23.96 1.74
CA ILE B 39 22.03 -22.74 1.62
C ILE B 39 20.98 -22.65 2.73
N PHE B 40 21.01 -21.54 3.48
CA PHE B 40 20.00 -21.22 4.48
C PHE B 40 19.16 -20.01 4.09
N GLY B 41 17.84 -20.14 4.21
CA GLY B 41 16.94 -19.04 3.91
C GLY B 41 15.61 -19.15 4.63
N THR B 42 14.70 -18.23 4.26
CA THR B 42 13.34 -18.25 4.77
C THR B 42 12.37 -18.33 3.59
N ALA B 43 11.12 -18.64 3.87
CA ALA B 43 10.15 -18.86 2.81
C ALA B 43 8.91 -17.98 3.01
N SER B 44 8.29 -17.59 1.89
CA SER B 44 7.05 -16.84 1.89
C SER B 44 6.15 -17.28 0.73
N SER B 45 4.91 -16.78 0.69
CA SER B 45 4.06 -16.97 -0.48
C SER B 45 3.30 -15.68 -0.76
N SER B 46 2.96 -15.48 -2.03
CA SER B 46 2.32 -14.24 -2.50
C SER B 46 1.04 -13.89 -1.75
N TYR B 47 0.07 -14.79 -1.76
CA TYR B 47 -1.20 -14.49 -1.11
C TYR B 47 -1.06 -14.25 0.40
N GLN B 48 -0.14 -14.94 1.05
CA GLN B 48 -0.02 -14.85 2.49
C GLN B 48 0.68 -13.60 2.94
N TYR B 49 1.51 -13.04 2.05
CA TYR B 49 2.39 -11.94 2.41
C TYR B 49 2.04 -10.57 1.78
N GLU B 50 1.70 -10.58 0.49
CA GLU B 50 1.75 -9.38 -0.35
C GLU B 50 0.76 -8.28 -0.02
N GLY B 51 -0.51 -8.65 0.14
CA GLY B 51 -1.58 -7.66 0.18
C GLY B 51 -1.67 -7.01 -1.19
N GLY B 52 -2.12 -5.74 -1.23
CA GLY B 52 -2.43 -5.06 -2.49
C GLY B 52 -3.17 -5.98 -3.47
N ALA B 53 -4.16 -6.69 -2.93
CA ALA B 53 -4.90 -7.72 -3.69
C ALA B 53 -5.57 -7.17 -4.93
N ALA B 54 -6.13 -5.96 -4.83
CA ALA B 54 -6.68 -5.27 -6.02
C ALA B 54 -5.82 -4.05 -6.42
N GLU B 55 -4.52 -4.13 -6.17
CA GLU B 55 -3.62 -3.05 -6.58
C GLU B 55 -2.76 -3.50 -7.75
N GLY B 56 -2.20 -2.52 -8.45
CA GLY B 56 -1.26 -2.78 -9.54
C GLY B 56 -1.79 -3.70 -10.62
N GLY B 57 -3.12 -3.69 -10.81
CA GLY B 57 -3.77 -4.44 -11.88
C GLY B 57 -3.93 -5.92 -11.64
N ARG B 58 -3.88 -6.35 -10.38
CA ARG B 58 -3.96 -7.76 -10.07
C ARG B 58 -5.40 -8.26 -10.20
N GLY B 59 -5.56 -9.39 -10.90
CA GLY B 59 -6.84 -10.07 -10.97
C GLY B 59 -7.11 -10.88 -9.71
N PRO B 60 -8.38 -11.26 -9.49
CA PRO B 60 -8.70 -12.08 -8.32
C PRO B 60 -8.23 -13.54 -8.48
N SER B 61 -7.88 -14.17 -7.36
CA SER B 61 -7.57 -15.58 -7.36
C SER B 61 -8.67 -16.32 -6.60
N ILE B 62 -8.66 -17.65 -6.69
CA ILE B 62 -9.63 -18.48 -6.00
C ILE B 62 -9.65 -18.24 -4.49
N TRP B 63 -8.53 -17.79 -3.93
CA TRP B 63 -8.43 -17.47 -2.51
C TRP B 63 -9.03 -16.12 -2.18
N ASP B 64 -8.93 -15.16 -3.12
CA ASP B 64 -9.66 -13.90 -2.97
C ASP B 64 -11.14 -14.22 -2.85
N THR B 65 -11.65 -14.94 -3.85
CA THR B 65 -13.04 -15.36 -3.88
C THR B 65 -13.41 -16.09 -2.59
N PHE B 66 -12.59 -17.08 -2.22
CA PHE B 66 -12.93 -18.01 -1.15
C PHE B 66 -13.03 -17.30 0.21
N THR B 67 -12.09 -16.40 0.48
CA THR B 67 -12.13 -15.65 1.73
C THR B 67 -13.29 -14.63 1.83
N HIS B 68 -13.68 -14.03 0.71
CA HIS B 68 -14.78 -13.05 0.73
C HIS B 68 -16.15 -13.69 0.76
N GLN B 69 -16.32 -14.76 0.01
CA GLN B 69 -17.62 -15.41 -0.13
C GLN B 69 -17.86 -16.48 0.94
N HIS B 70 -16.79 -17.03 1.50
CA HIS B 70 -16.93 -18.03 2.57
C HIS B 70 -16.17 -17.67 3.84
N PRO B 71 -16.40 -16.48 4.42
CA PRO B 71 -15.62 -16.05 5.59
C PRO B 71 -15.78 -16.95 6.81
N GLU B 72 -16.82 -17.78 6.79
CA GLU B 72 -17.14 -18.73 7.86
C GLU B 72 -16.13 -19.87 7.88
N LYS B 73 -15.47 -20.09 6.75
CA LYS B 73 -14.45 -21.13 6.64
C LYS B 73 -13.06 -20.63 7.06
N ILE B 74 -12.96 -19.35 7.42
CA ILE B 74 -11.72 -18.78 7.96
C ILE B 74 -11.94 -18.49 9.42
N ALA B 75 -11.05 -18.99 10.27
CA ALA B 75 -11.24 -18.95 11.73
C ALA B 75 -11.64 -17.58 12.26
N ASP B 76 -11.01 -16.52 11.73
CA ASP B 76 -11.27 -15.15 12.21
C ASP B 76 -11.91 -14.31 11.10
N ARG B 77 -12.56 -14.97 10.15
CA ARG B 77 -13.30 -14.30 9.07
C ARG B 77 -12.45 -13.29 8.30
N SER B 78 -11.17 -13.57 8.13
CA SER B 78 -10.27 -12.60 7.54
C SER B 78 -9.92 -12.99 6.10
N ASN B 79 -9.10 -12.17 5.44
CA ASN B 79 -8.65 -12.45 4.09
C ASN B 79 -7.25 -11.90 3.85
N GLY B 80 -6.79 -12.01 2.61
CA GLY B 80 -5.46 -11.54 2.27
C GLY B 80 -5.43 -10.23 1.50
N ASP B 81 -6.44 -9.36 1.71
CA ASP B 81 -6.45 -8.06 1.04
C ASP B 81 -5.18 -7.27 1.37
N VAL B 82 -4.81 -7.27 2.65
CA VAL B 82 -3.64 -6.53 3.12
C VAL B 82 -2.52 -7.48 3.49
N ALA B 83 -2.89 -8.60 4.13
CA ALA B 83 -1.94 -9.62 4.60
C ALA B 83 -0.81 -8.96 5.38
N SER B 84 0.45 -9.20 4.99
CA SER B 84 1.59 -8.57 5.67
C SER B 84 2.04 -7.30 4.97
N ASP B 85 1.26 -6.86 3.98
CA ASP B 85 1.57 -5.65 3.19
C ASP B 85 2.98 -5.68 2.57
N SER B 86 3.46 -6.87 2.21
CA SER B 86 4.78 -6.94 1.59
C SER B 86 4.82 -6.30 0.20
N TYR B 87 3.66 -6.13 -0.43
CA TYR B 87 3.57 -5.42 -1.70
C TYR B 87 4.17 -4.04 -1.57
N HIS B 88 3.92 -3.38 -0.44
CA HIS B 88 4.51 -2.07 -0.13
C HIS B 88 5.80 -2.16 0.70
N LEU B 89 5.91 -3.19 1.54
CA LEU B 89 6.98 -3.24 2.55
C LEU B 89 8.12 -4.23 2.27
N TYR B 90 8.19 -4.76 1.05
CA TYR B 90 9.20 -5.75 0.66
C TYR B 90 10.65 -5.34 0.99
N LYS B 91 10.95 -4.04 0.96
CA LYS B 91 12.31 -3.56 1.25
C LYS B 91 12.71 -3.84 2.70
N GLU B 92 11.75 -3.67 3.59
CA GLU B 92 11.89 -4.08 4.99
C GLU B 92 12.16 -5.57 5.12
N ASP B 93 11.41 -6.38 4.38
CA ASP B 93 11.58 -7.84 4.39
C ASP B 93 13.00 -8.24 4.03
N VAL B 94 13.52 -7.66 2.95
CA VAL B 94 14.87 -7.93 2.51
C VAL B 94 15.89 -7.53 3.58
N ARG B 95 15.67 -6.36 4.18
CA ARG B 95 16.55 -5.84 5.22
C ARG B 95 16.56 -6.77 6.42
N LEU B 96 15.39 -7.25 6.80
CA LEU B 96 15.27 -8.20 7.90
C LEU B 96 15.95 -9.54 7.64
N MET B 97 15.88 -10.03 6.40
CA MET B 97 16.53 -11.29 6.10
C MET B 97 18.05 -11.14 6.03
N LYS B 98 18.49 -9.95 5.60
CA LYS B 98 19.91 -9.64 5.46
C LYS B 98 20.58 -9.55 6.83
N ASP B 99 19.94 -8.84 7.77
CA ASP B 99 20.39 -8.76 9.17
C ASP B 99 20.62 -10.13 9.81
N MET B 100 19.74 -11.08 9.54
CA MET B 100 19.93 -12.43 10.02
C MET B 100 21.06 -13.17 9.33
N GLY B 101 21.43 -12.74 8.12
CA GLY B 101 22.49 -13.38 7.34
C GLY B 101 21.99 -14.48 6.43
N MET B 102 20.71 -14.42 6.05
CA MET B 102 20.12 -15.42 5.15
C MET B 102 20.79 -15.42 3.79
N ASP B 103 20.96 -16.61 3.21
CA ASP B 103 21.55 -16.74 1.87
C ASP B 103 20.51 -16.55 0.77
N ALA B 104 19.30 -17.06 1.01
CA ALA B 104 18.32 -17.17 -0.05
C ALA B 104 16.91 -16.91 0.47
N TYR B 105 16.01 -16.55 -0.45
CA TYR B 105 14.63 -16.26 -0.08
C TYR B 105 13.73 -17.07 -0.98
N ARG B 106 12.82 -17.81 -0.39
CA ARG B 106 11.84 -18.54 -1.15
C ARG B 106 10.56 -17.70 -1.17
N PHE B 107 10.16 -17.30 -2.37
CA PHE B 107 8.89 -16.59 -2.52
C PHE B 107 8.10 -17.10 -3.71
N SER B 108 6.83 -16.69 -3.78
CA SER B 108 6.01 -17.07 -4.94
C SER B 108 5.54 -15.87 -5.71
N ILE B 109 5.31 -16.08 -7.00
CA ILE B 109 4.71 -15.09 -7.88
C ILE B 109 3.22 -15.34 -7.95
N SER B 110 2.44 -14.28 -7.83
CA SER B 110 0.99 -14.39 -7.98
C SER B 110 0.65 -14.41 -9.48
N TRP B 111 0.16 -15.57 -9.91
CA TRP B 111 -0.31 -15.79 -11.26
C TRP B 111 -1.17 -14.64 -11.79
N THR B 112 -2.13 -14.20 -11.00
CA THR B 112 -3.03 -13.11 -11.43
C THR B 112 -2.45 -11.72 -11.26
N ARG B 113 -1.23 -11.62 -10.71
CA ARG B 113 -0.51 -10.35 -10.74
C ARG B 113 0.18 -10.20 -12.11
N ILE B 114 0.46 -11.32 -12.76
CA ILE B 114 1.10 -11.33 -14.09
C ILE B 114 0.05 -11.46 -15.22
N LEU B 115 -0.90 -12.39 -15.06
CA LEU B 115 -1.98 -12.60 -16.02
C LEU B 115 -3.28 -12.46 -15.25
N PRO B 116 -3.82 -11.24 -15.20
CA PRO B 116 -4.98 -10.91 -14.38
C PRO B 116 -6.19 -11.84 -14.58
N ASN B 117 -6.42 -12.33 -15.79
CA ASN B 117 -7.40 -13.40 -15.92
C ASN B 117 -6.86 -14.74 -16.40
N GLY B 118 -5.60 -15.02 -16.04
CA GLY B 118 -5.07 -16.36 -16.13
C GLY B 118 -4.41 -16.77 -17.42
N SER B 119 -4.86 -16.19 -18.53
CA SER B 119 -4.40 -16.58 -19.86
C SER B 119 -3.63 -15.45 -20.54
N LEU B 120 -2.77 -15.81 -21.50
CA LEU B 120 -2.09 -14.85 -22.37
C LEU B 120 -3.03 -13.85 -23.03
N ARG B 121 -4.08 -14.36 -23.70
CA ARG B 121 -4.99 -13.48 -24.44
C ARG B 121 -5.73 -12.50 -23.54
N GLY B 122 -5.89 -12.85 -22.26
CA GLY B 122 -6.39 -11.91 -21.25
C GLY B 122 -5.50 -10.70 -20.99
N GLY B 123 -4.27 -10.72 -21.50
CA GLY B 123 -3.34 -9.60 -21.34
C GLY B 123 -2.28 -9.81 -20.27
N VAL B 124 -1.09 -9.29 -20.54
CA VAL B 124 0.03 -9.36 -19.61
C VAL B 124 0.11 -8.07 -18.79
N ASN B 125 0.15 -8.21 -17.47
CA ASN B 125 0.15 -7.06 -16.58
C ASN B 125 1.57 -6.53 -16.29
N LYS B 126 1.91 -5.41 -16.91
CA LYS B 126 3.22 -4.79 -16.83
C LYS B 126 3.64 -4.41 -15.41
N GLU B 127 2.72 -3.78 -14.68
CA GLU B 127 2.91 -3.42 -13.27
C GLU B 127 3.24 -4.60 -12.37
N GLY B 128 2.69 -5.77 -12.70
CA GLY B 128 2.96 -7.00 -11.96
C GLY B 128 4.39 -7.46 -12.16
N ILE B 129 4.83 -7.45 -13.42
CA ILE B 129 6.21 -7.72 -13.77
C ILE B 129 7.17 -6.76 -13.04
N LYS B 130 6.76 -5.49 -12.95
CA LYS B 130 7.58 -4.46 -12.34
C LYS B 130 7.83 -4.79 -10.87
N TYR B 131 6.75 -5.15 -10.17
CA TYR B 131 6.85 -5.48 -8.76
C TYR B 131 7.83 -6.62 -8.46
N TYR B 132 7.73 -7.72 -9.19
CA TYR B 132 8.66 -8.83 -8.97
C TYR B 132 10.08 -8.51 -9.39
N ASN B 133 10.24 -7.73 -10.45
CA ASN B 133 11.55 -7.19 -10.81
C ASN B 133 12.17 -6.39 -9.67
N ASN B 134 11.38 -5.47 -9.13
CA ASN B 134 11.76 -4.71 -7.94
C ASN B 134 12.18 -5.59 -6.75
N LEU B 135 11.40 -6.63 -6.49
CA LEU B 135 11.71 -7.59 -5.43
C LEU B 135 13.02 -8.30 -5.72
N ILE B 136 13.15 -8.83 -6.93
CA ILE B 136 14.34 -9.58 -7.31
C ILE B 136 15.61 -8.71 -7.23
N ASN B 137 15.54 -7.53 -7.83
CA ASN B 137 16.66 -6.60 -7.82
C ASN B 137 17.06 -6.18 -6.42
N GLU B 138 16.07 -5.95 -5.57
CA GLU B 138 16.35 -5.63 -4.17
C GLU B 138 17.08 -6.77 -3.47
N LEU B 139 16.58 -8.00 -3.65
CA LEU B 139 17.20 -9.18 -3.05
C LEU B 139 18.65 -9.34 -3.49
N LEU B 140 18.88 -9.17 -4.78
CA LEU B 140 20.20 -9.40 -5.37
C LEU B 140 21.19 -8.33 -4.96
N SER B 141 20.72 -7.09 -4.88
CA SER B 141 21.58 -6.00 -4.41
C SER B 141 22.07 -6.23 -2.95
N LYS B 142 21.46 -7.20 -2.26
CA LYS B 142 21.85 -7.50 -0.88
C LYS B 142 22.43 -8.90 -0.69
N GLY B 143 22.75 -9.55 -1.81
CA GLY B 143 23.38 -10.86 -1.79
C GLY B 143 22.44 -12.00 -1.48
N VAL B 144 21.14 -11.78 -1.62
CA VAL B 144 20.18 -12.86 -1.33
C VAL B 144 19.74 -13.55 -2.65
N GLN B 145 19.85 -14.86 -2.73
CA GLN B 145 19.42 -15.55 -3.96
C GLN B 145 17.95 -15.87 -3.91
N PRO B 146 17.22 -15.51 -4.97
CA PRO B 146 15.78 -15.78 -5.07
C PRO B 146 15.45 -17.21 -5.52
N PHE B 147 14.54 -17.86 -4.80
CA PHE B 147 13.98 -19.14 -5.18
C PHE B 147 12.49 -18.86 -5.38
N ILE B 148 12.00 -19.04 -6.60
CA ILE B 148 10.64 -18.67 -6.92
C ILE B 148 9.70 -19.84 -7.20
N THR B 149 8.62 -19.89 -6.41
CA THR B 149 7.52 -20.81 -6.62
C THR B 149 6.53 -20.18 -7.61
N LEU B 150 6.21 -20.91 -8.68
CA LEU B 150 5.29 -20.36 -9.67
C LEU B 150 3.84 -20.44 -9.15
N PHE B 151 3.50 -21.58 -8.55
CA PHE B 151 2.16 -21.79 -8.06
C PHE B 151 2.12 -22.12 -6.58
N HIS B 152 1.66 -21.16 -5.79
CA HIS B 152 1.42 -21.37 -4.36
C HIS B 152 -0.05 -21.14 -4.03
N TRP B 153 -0.93 -21.76 -4.83
CA TRP B 153 -2.39 -21.91 -4.56
C TRP B 153 -3.30 -20.81 -5.04
N ASP B 154 -2.74 -19.63 -5.31
CA ASP B 154 -3.55 -18.49 -5.72
C ASP B 154 -3.91 -18.58 -7.20
N SER B 155 -4.66 -19.64 -7.53
CA SER B 155 -5.09 -19.94 -8.89
C SER B 155 -6.09 -18.88 -9.39
N PRO B 156 -6.03 -18.53 -10.68
CA PRO B 156 -6.92 -17.49 -11.25
C PRO B 156 -8.40 -17.78 -11.11
N GLN B 157 -9.15 -16.81 -10.58
CA GLN B 157 -10.61 -16.95 -10.50
C GLN B 157 -11.24 -17.04 -11.90
N ALA B 158 -10.71 -16.28 -12.85
CA ALA B 158 -11.28 -16.27 -14.19
C ALA B 158 -11.19 -17.65 -14.83
N LEU B 159 -10.16 -18.42 -14.47
CA LEU B 159 -10.01 -19.77 -15.00
C LEU B 159 -10.86 -20.77 -14.23
N GLU B 160 -11.13 -20.45 -12.96
CA GLU B 160 -12.03 -21.25 -12.17
C GLU B 160 -13.45 -21.10 -12.75
N ASP B 161 -13.82 -19.87 -13.09
CA ASP B 161 -15.13 -19.57 -13.66
C ASP B 161 -15.31 -20.11 -15.08
N LYS B 162 -14.25 -20.01 -15.89
CA LYS B 162 -14.31 -20.45 -17.29
C LYS B 162 -14.39 -21.97 -17.44
N TYR B 163 -13.56 -22.72 -16.71
CA TYR B 163 -13.50 -24.17 -16.87
C TYR B 163 -13.13 -24.96 -15.63
N ASN B 164 -13.39 -24.38 -14.46
CA ASN B 164 -13.10 -25.04 -13.17
C ASN B 164 -11.61 -25.28 -12.91
N GLY B 165 -10.79 -24.34 -13.36
CA GLY B 165 -9.35 -24.33 -13.08
C GLY B 165 -8.65 -25.66 -13.31
N PHE B 166 -8.12 -26.23 -12.22
CA PHE B 166 -7.33 -27.46 -12.31
C PHE B 166 -8.11 -28.75 -12.55
N LEU B 167 -9.43 -28.65 -12.71
CA LEU B 167 -10.22 -29.83 -13.09
C LEU B 167 -10.23 -30.03 -14.59
N SER B 168 -9.74 -29.03 -15.31
CA SER B 168 -9.73 -29.08 -16.77
C SER B 168 -8.32 -29.17 -17.32
N PRO B 169 -8.12 -30.03 -18.32
CA PRO B 169 -6.83 -30.15 -19.00
C PRO B 169 -6.35 -28.81 -19.60
N ASN B 170 -7.25 -27.85 -19.73
CA ASN B 170 -6.92 -26.53 -20.26
C ASN B 170 -5.94 -25.74 -19.39
N ILE B 171 -5.90 -26.09 -18.10
CA ILE B 171 -5.05 -25.44 -17.12
C ILE B 171 -3.57 -25.58 -17.47
N ILE B 172 -3.23 -26.71 -18.09
CA ILE B 172 -1.85 -27.04 -18.42
C ILE B 172 -1.22 -25.96 -19.28
N ASN B 173 -1.83 -25.65 -20.42
CA ASN B 173 -1.30 -24.65 -21.33
C ASN B 173 -1.29 -23.24 -20.76
N ASP B 174 -2.31 -22.94 -19.94
CA ASP B 174 -2.37 -21.63 -19.32
C ASP B 174 -1.23 -21.46 -18.31
N PHE B 175 -1.02 -22.49 -17.49
CA PHE B 175 0.10 -22.50 -16.57
C PHE B 175 1.43 -22.38 -17.33
N LYS B 176 1.56 -23.13 -18.43
CA LYS B 176 2.77 -23.11 -19.27
C LYS B 176 3.05 -21.70 -19.75
N ASP B 177 2.02 -21.01 -20.23
CA ASP B 177 2.17 -19.66 -20.75
C ASP B 177 2.56 -18.72 -19.63
N TYR B 178 1.96 -18.93 -18.46
CA TYR B 178 2.30 -18.19 -17.25
C TYR B 178 3.77 -18.38 -16.91
N ALA B 179 4.17 -19.65 -16.82
CA ALA B 179 5.53 -20.02 -16.50
C ALA B 179 6.53 -19.40 -17.46
N GLU B 180 6.24 -19.47 -18.76
CA GLU B 180 7.11 -18.88 -19.80
C GLU B 180 7.36 -17.40 -19.63
N ILE B 181 6.32 -16.65 -19.30
CA ILE B 181 6.48 -15.24 -19.05
C ILE B 181 7.44 -15.01 -17.88
N CYS B 182 7.36 -15.85 -16.85
CA CYS B 182 8.26 -15.71 -15.72
C CYS B 182 9.72 -16.04 -16.09
N PHE B 183 9.91 -17.05 -16.93
CA PHE B 183 11.24 -17.38 -17.41
C PHE B 183 11.80 -16.26 -18.31
N LYS B 184 10.96 -15.68 -19.16
CA LYS B 184 11.35 -14.57 -20.05
C LYS B 184 11.68 -13.33 -19.24
N GLU B 185 10.89 -13.05 -18.20
CA GLU B 185 10.98 -11.79 -17.51
C GLU B 185 12.03 -11.78 -16.41
N PHE B 186 12.19 -12.91 -15.73
CA PHE B 186 13.01 -12.98 -14.52
C PHE B 186 14.16 -13.97 -14.60
N GLY B 187 14.12 -14.90 -15.55
CA GLY B 187 15.10 -15.99 -15.63
C GLY B 187 16.55 -15.59 -15.85
N ASP B 188 16.78 -14.34 -16.23
CA ASP B 188 18.13 -13.78 -16.34
C ASP B 188 18.82 -13.75 -14.98
N ARG B 189 18.02 -13.53 -13.94
CA ARG B 189 18.51 -13.34 -12.58
C ARG B 189 18.11 -14.47 -11.65
N VAL B 190 16.99 -15.14 -11.97
CA VAL B 190 16.47 -16.19 -11.12
C VAL B 190 16.91 -17.56 -11.63
N LYS B 191 17.61 -18.30 -10.77
CA LYS B 191 18.30 -19.50 -11.16
C LYS B 191 17.72 -20.76 -10.53
N ASN B 192 16.67 -20.59 -9.75
CA ASN B 192 16.05 -21.66 -9.02
C ASN B 192 14.53 -21.50 -9.07
N TRP B 193 13.86 -22.45 -9.72
CA TRP B 193 12.42 -22.38 -9.92
C TRP B 193 11.71 -23.56 -9.29
N ILE B 194 10.58 -23.30 -8.66
CA ILE B 194 9.69 -24.35 -8.16
C ILE B 194 8.34 -24.18 -8.83
N THR B 195 7.87 -25.23 -9.50
CA THR B 195 6.61 -25.15 -10.21
C THR B 195 5.42 -25.00 -9.25
N PHE B 196 5.20 -26.03 -8.44
CA PHE B 196 4.03 -26.12 -7.55
C PHE B 196 4.44 -26.30 -6.10
N ASN B 197 3.69 -25.66 -5.20
CA ASN B 197 3.89 -25.86 -3.77
C ASN B 197 2.83 -26.79 -3.20
N GLU B 198 3.29 -27.84 -2.53
CA GLU B 198 2.42 -28.76 -1.82
C GLU B 198 1.14 -29.12 -2.58
N PRO B 199 1.27 -29.72 -3.77
CA PRO B 199 0.04 -30.18 -4.47
C PRO B 199 -0.90 -31.07 -3.61
N TRP B 200 -0.32 -31.82 -2.66
CA TRP B 200 -1.11 -32.62 -1.75
C TRP B 200 -2.10 -31.74 -0.99
N THR B 201 -1.59 -30.70 -0.32
CA THR B 201 -2.43 -29.80 0.46
C THR B 201 -3.45 -29.16 -0.46
N PHE B 202 -2.99 -28.73 -1.64
CA PHE B 202 -3.87 -28.06 -2.57
C PHE B 202 -5.03 -28.96 -2.99
N CYS B 203 -4.73 -30.21 -3.37
CA CYS B 203 -5.78 -31.15 -3.79
C CYS B 203 -6.66 -31.71 -2.68
N SER B 204 -6.04 -32.14 -1.57
CA SER B 204 -6.81 -32.70 -0.46
C SER B 204 -7.72 -31.66 0.22
N ASN B 205 -7.17 -30.50 0.58
CA ASN B 205 -7.98 -29.44 1.19
C ASN B 205 -8.92 -28.68 0.23
N GLY B 206 -8.56 -28.59 -1.04
CA GLY B 206 -9.37 -27.85 -2.00
C GLY B 206 -10.47 -28.64 -2.68
N TYR B 207 -10.29 -29.96 -2.77
CA TYR B 207 -11.19 -30.84 -3.53
C TYR B 207 -11.72 -32.05 -2.76
N ALA B 208 -11.06 -32.40 -1.64
CA ALA B 208 -11.48 -33.55 -0.86
C ALA B 208 -12.29 -33.10 0.35
N THR B 209 -11.67 -32.30 1.21
CA THR B 209 -12.35 -31.78 2.39
C THR B 209 -13.09 -30.47 2.11
N GLY B 210 -12.69 -29.77 1.05
CA GLY B 210 -13.24 -28.45 0.75
C GLY B 210 -13.01 -27.38 1.83
N LEU B 211 -12.00 -27.56 2.67
CA LEU B 211 -11.71 -26.55 3.71
C LEU B 211 -10.85 -25.36 3.19
N PHE B 212 -10.23 -25.53 2.01
CA PHE B 212 -9.37 -24.52 1.38
C PHE B 212 -9.99 -24.19 0.03
N ALA B 213 -9.66 -23.03 -0.53
CA ALA B 213 -10.05 -22.69 -1.90
C ALA B 213 -9.63 -23.84 -2.80
N PRO B 214 -10.38 -24.11 -3.89
CA PRO B 214 -11.66 -23.56 -4.35
C PRO B 214 -12.91 -23.98 -3.55
N GLY B 215 -12.72 -24.68 -2.42
CA GLY B 215 -13.82 -25.12 -1.57
C GLY B 215 -14.80 -26.08 -2.23
N ARG B 216 -14.25 -27.14 -2.83
CA ARG B 216 -15.07 -28.19 -3.43
C ARG B 216 -15.02 -29.45 -2.59
N CYS B 217 -16.14 -30.17 -2.54
CA CYS B 217 -16.22 -31.43 -1.81
C CYS B 217 -17.58 -32.10 -1.97
N SER B 218 -17.66 -33.37 -1.58
CA SER B 218 -18.94 -34.08 -1.53
C SER B 218 -19.74 -33.56 -0.32
N PRO B 219 -21.09 -33.55 -0.43
CA PRO B 219 -21.91 -32.91 0.61
C PRO B 219 -21.63 -33.38 2.05
N TRP B 220 -21.39 -34.68 2.22
CA TRP B 220 -21.14 -35.28 3.53
C TRP B 220 -19.76 -34.95 4.10
N GLU B 221 -18.87 -34.44 3.26
CA GLU B 221 -17.52 -34.08 3.70
C GLU B 221 -17.49 -32.80 4.54
N LYS B 222 -16.35 -32.56 5.19
CA LYS B 222 -16.16 -31.48 6.17
C LYS B 222 -16.63 -30.08 5.72
N GLY B 223 -16.21 -29.67 4.52
CA GLY B 223 -16.48 -28.33 4.02
C GLY B 223 -17.94 -28.08 3.71
N ASN B 224 -18.70 -29.17 3.63
CA ASN B 224 -20.15 -29.11 3.39
C ASN B 224 -20.45 -28.28 2.13
N CYS B 225 -19.64 -28.50 1.09
CA CYS B 225 -19.64 -27.67 -0.11
C CYS B 225 -20.89 -27.89 -0.96
N SER B 226 -21.21 -26.91 -1.79
CA SER B 226 -22.36 -26.99 -2.65
C SER B 226 -22.06 -27.82 -3.91
N VAL B 227 -20.79 -27.87 -4.29
CA VAL B 227 -20.37 -28.56 -5.52
C VAL B 227 -19.11 -29.40 -5.25
N GLY B 228 -18.98 -30.52 -5.96
CA GLY B 228 -17.76 -31.32 -5.90
C GLY B 228 -17.96 -32.81 -5.73
N ASP B 229 -16.83 -33.53 -5.62
CA ASP B 229 -16.78 -34.97 -5.50
C ASP B 229 -15.40 -35.33 -4.95
N SER B 230 -15.38 -35.64 -3.66
CA SER B 230 -14.14 -35.88 -2.92
C SER B 230 -13.41 -37.19 -3.29
N GLY B 231 -14.04 -37.99 -4.15
CA GLY B 231 -13.49 -39.28 -4.59
C GLY B 231 -12.93 -39.27 -6.00
N ARG B 232 -13.17 -38.19 -6.72
CA ARG B 232 -12.65 -38.06 -8.09
C ARG B 232 -11.86 -36.76 -8.27
N GLU B 233 -12.42 -35.64 -7.82
CA GLU B 233 -11.82 -34.32 -8.08
C GLU B 233 -10.38 -34.14 -7.57
N PRO B 234 -10.09 -34.55 -6.30
CA PRO B 234 -8.69 -34.43 -5.85
C PRO B 234 -7.70 -35.05 -6.83
N TYR B 235 -8.03 -36.22 -7.38
CA TYR B 235 -7.14 -36.96 -8.27
C TYR B 235 -7.05 -36.29 -9.63
N THR B 236 -8.16 -35.74 -10.11
CA THR B 236 -8.16 -35.01 -11.37
C THR B 236 -7.28 -33.76 -11.24
N ALA B 237 -7.49 -33.00 -10.17
CA ALA B 237 -6.74 -31.78 -9.95
C ALA B 237 -5.24 -32.06 -9.94
N CYS B 238 -4.83 -33.00 -9.09
CA CYS B 238 -3.40 -33.25 -8.92
C CYS B 238 -2.75 -33.94 -10.11
N HIS B 239 -3.55 -34.73 -10.84
CA HIS B 239 -3.08 -35.29 -12.08
C HIS B 239 -2.75 -34.17 -13.07
N HIS B 240 -3.64 -33.18 -13.17
CA HIS B 240 -3.39 -32.03 -14.01
C HIS B 240 -2.16 -31.21 -13.55
N GLN B 241 -1.91 -31.17 -12.24
CA GLN B 241 -0.75 -30.44 -11.72
C GLN B 241 0.55 -31.08 -12.15
N LEU B 242 0.58 -32.41 -12.05
CA LEU B 242 1.73 -33.21 -12.47
C LEU B 242 2.01 -33.04 -13.95
N LEU B 243 0.97 -33.02 -14.76
CA LEU B 243 1.17 -32.80 -16.19
C LEU B 243 1.65 -31.39 -16.49
N ALA B 244 1.12 -30.40 -15.76
CA ALA B 244 1.52 -29.01 -15.94
C ALA B 244 2.96 -28.84 -15.48
N HIS B 245 3.31 -29.52 -14.39
CA HIS B 245 4.68 -29.49 -13.91
C HIS B 245 5.66 -30.04 -14.94
N ALA B 246 5.35 -31.21 -15.48
CA ALA B 246 6.26 -31.89 -16.40
C ALA B 246 6.40 -31.13 -17.71
N GLU B 247 5.29 -30.64 -18.24
CA GLU B 247 5.30 -29.81 -19.46
C GLU B 247 6.18 -28.58 -19.23
N THR B 248 6.10 -28.03 -18.02
CA THR B 248 6.84 -26.82 -17.67
C THR B 248 8.34 -27.05 -17.51
N VAL B 249 8.71 -28.20 -16.95
CA VAL B 249 10.13 -28.54 -16.82
C VAL B 249 10.72 -28.78 -18.20
N ARG B 250 10.02 -29.57 -19.00
CA ARG B 250 10.45 -29.86 -20.35
C ARG B 250 10.65 -28.55 -21.10
N LEU B 251 9.68 -27.63 -20.97
CA LEU B 251 9.78 -26.32 -21.61
C LEU B 251 10.97 -25.54 -21.07
N TYR B 252 11.16 -25.55 -19.76
CA TYR B 252 12.31 -24.84 -19.19
C TYR B 252 13.62 -25.35 -19.78
N LYS B 253 13.78 -26.67 -19.80
CA LYS B 253 15.02 -27.28 -20.29
C LYS B 253 15.18 -27.08 -21.82
N ALA B 254 14.08 -27.09 -22.55
CA ALA B 254 14.13 -26.97 -24.01
C ALA B 254 14.51 -25.57 -24.51
N LYS B 255 14.00 -24.54 -23.83
CA LYS B 255 14.17 -23.16 -24.31
C LYS B 255 15.00 -22.24 -23.42
N TYR B 256 15.06 -22.53 -22.12
CA TYR B 256 15.64 -21.57 -21.18
C TYR B 256 16.91 -22.01 -20.49
N GLN B 257 17.02 -23.29 -20.17
CA GLN B 257 18.12 -23.80 -19.35
C GLN B 257 19.49 -23.54 -19.99
N ALA B 258 19.57 -23.66 -21.31
CA ALA B 258 20.87 -23.55 -21.99
C ALA B 258 21.50 -22.20 -21.75
N LEU B 259 20.71 -21.14 -21.89
CA LEU B 259 21.21 -19.77 -21.78
C LEU B 259 21.04 -19.14 -20.39
N GLN B 260 20.07 -19.62 -19.61
CA GLN B 260 19.85 -19.07 -18.26
C GLN B 260 20.51 -19.89 -17.17
N LYS B 261 20.72 -21.18 -17.45
CA LYS B 261 21.45 -22.12 -16.58
C LYS B 261 20.95 -22.12 -15.13
N GLY B 262 19.63 -22.18 -14.98
CA GLY B 262 19.02 -22.33 -13.68
C GLY B 262 18.55 -23.74 -13.51
N LYS B 263 17.97 -24.03 -12.35
CA LYS B 263 17.32 -25.31 -12.16
C LYS B 263 15.87 -25.21 -11.68
N ILE B 264 15.14 -26.28 -11.93
CA ILE B 264 13.71 -26.31 -11.74
C ILE B 264 13.28 -27.56 -11.01
N GLY B 265 12.43 -27.37 -10.01
CA GLY B 265 11.89 -28.48 -9.24
C GLY B 265 10.44 -28.29 -8.82
N ILE B 266 10.06 -28.97 -7.75
CA ILE B 266 8.71 -28.94 -7.25
C ILE B 266 8.78 -29.19 -5.76
N THR B 267 7.85 -28.61 -5.00
CA THR B 267 7.83 -28.72 -3.54
C THR B 267 6.71 -29.64 -3.08
N LEU B 268 7.05 -30.62 -2.25
CA LEU B 268 6.09 -31.61 -1.78
C LEU B 268 6.10 -31.68 -0.26
N VAL B 269 4.92 -31.85 0.35
CA VAL B 269 4.84 -32.11 1.80
C VAL B 269 4.82 -33.60 2.10
N SER B 270 5.40 -33.94 3.24
CA SER B 270 5.14 -35.22 3.85
C SER B 270 5.21 -35.09 5.35
N HIS B 271 4.25 -35.69 6.02
CA HIS B 271 4.43 -36.00 7.42
C HIS B 271 5.32 -37.22 7.46
N TRP B 272 5.83 -37.53 8.65
CA TRP B 272 6.33 -38.88 8.91
C TRP B 272 5.25 -39.72 9.58
N PHE B 273 5.10 -40.96 9.15
CA PHE B 273 4.09 -41.84 9.70
C PHE B 273 4.66 -42.97 10.59
N VAL B 274 4.39 -42.88 11.90
CA VAL B 274 4.72 -43.96 12.85
C VAL B 274 3.58 -44.98 12.91
N PRO B 275 3.86 -46.27 12.63
CA PRO B 275 2.80 -47.28 12.80
C PRO B 275 2.19 -47.18 14.20
N PHE B 276 0.86 -47.30 14.26
CA PHE B 276 0.12 -47.16 15.51
C PHE B 276 0.59 -48.18 16.58
N SER B 277 0.82 -49.41 16.15
CA SER B 277 1.48 -50.45 16.96
C SER B 277 2.47 -51.20 16.06
N ARG B 278 3.23 -52.14 16.64
CA ARG B 278 4.25 -52.86 15.86
C ARG B 278 3.68 -53.94 14.93
N SER B 279 2.36 -54.11 14.95
CA SER B 279 1.65 -55.02 14.04
C SER B 279 2.04 -54.82 12.59
N LYS B 280 2.08 -55.90 11.82
CA LYS B 280 2.32 -55.86 10.37
C LYS B 280 1.33 -54.95 9.63
N SER B 281 0.06 -55.04 10.04
CA SER B 281 -1.04 -54.30 9.40
C SER B 281 -0.93 -52.78 9.61
N ASN B 282 -0.45 -52.38 10.78
CA ASN B 282 -0.23 -50.97 11.08
C ASN B 282 1.07 -50.42 10.46
N ASN B 283 2.04 -51.31 10.27
CA ASN B 283 3.22 -51.01 9.46
C ASN B 283 2.82 -50.75 8.00
N ASP B 284 1.90 -51.59 7.50
CA ASP B 284 1.42 -51.50 6.12
C ASP B 284 0.51 -50.28 5.89
N ALA B 285 -0.12 -49.81 6.96
CA ALA B 285 -0.93 -48.59 6.90
C ALA B 285 -0.06 -47.33 6.86
N ALA B 286 1.02 -47.29 7.66
CA ALA B 286 1.97 -46.18 7.61
C ALA B 286 2.63 -46.09 6.24
N LYS B 287 2.89 -47.24 5.62
CA LYS B 287 3.41 -47.29 4.25
C LYS B 287 2.35 -46.76 3.25
N ARG B 288 1.09 -47.11 3.47
CA ARG B 288 -0.01 -46.62 2.65
C ARG B 288 -0.27 -45.12 2.83
N ALA B 289 -0.13 -44.63 4.06
CA ALA B 289 -0.30 -43.21 4.35
C ALA B 289 0.71 -42.36 3.57
N ILE B 290 1.99 -42.73 3.62
CA ILE B 290 3.05 -42.03 2.88
C ILE B 290 2.88 -42.19 1.36
N ASP B 291 2.43 -43.37 0.92
CA ASP B 291 2.09 -43.59 -0.50
C ASP B 291 1.03 -42.57 -1.00
N PHE B 292 0.04 -42.31 -0.15
CA PHE B 292 -1.09 -41.47 -0.50
C PHE B 292 -0.80 -39.97 -0.40
N MET B 293 -0.04 -39.58 0.61
CA MET B 293 0.36 -38.19 0.77
C MET B 293 1.49 -37.80 -0.17
N PHE B 294 2.52 -38.63 -0.19
CA PHE B 294 3.80 -38.25 -0.75
C PHE B 294 4.10 -39.00 -2.05
N GLY B 295 3.96 -40.32 -2.03
CA GLY B 295 4.26 -41.15 -3.19
C GLY B 295 3.36 -40.85 -4.38
N TRP B 296 2.18 -40.31 -4.04
CA TRP B 296 1.24 -39.75 -5.01
C TRP B 296 1.97 -38.92 -6.04
N PHE B 297 3.00 -38.19 -5.61
CA PHE B 297 3.80 -37.35 -6.50
C PHE B 297 5.19 -37.93 -6.77
N MET B 298 5.84 -38.48 -5.75
CA MET B 298 7.19 -39.05 -5.91
C MET B 298 7.27 -40.20 -6.91
N ASP B 299 6.34 -41.14 -6.80
CA ASP B 299 6.32 -42.33 -7.66
C ASP B 299 6.21 -41.99 -9.16
N PRO B 300 5.27 -41.09 -9.52
CA PRO B 300 5.27 -40.60 -10.91
C PRO B 300 6.58 -39.90 -11.32
N LEU B 301 7.19 -39.16 -10.39
CA LEU B 301 8.40 -38.40 -10.69
C LEU B 301 9.68 -39.26 -10.81
N ILE B 302 9.73 -40.34 -10.04
CA ILE B 302 10.88 -41.24 -10.02
C ILE B 302 10.65 -42.50 -10.89
N ARG B 303 9.46 -43.08 -10.81
CA ARG B 303 9.15 -44.35 -11.47
C ARG B 303 8.21 -44.25 -12.67
N GLY B 304 7.63 -43.07 -12.88
CA GLY B 304 6.77 -42.84 -14.06
C GLY B 304 5.34 -43.33 -13.95
N ASP B 305 4.91 -43.70 -12.74
CA ASP B 305 3.50 -44.03 -12.48
C ASP B 305 3.16 -43.83 -11.00
N TYR B 306 1.86 -43.73 -10.70
CA TYR B 306 1.36 -43.62 -9.32
C TYR B 306 1.73 -44.86 -8.49
N PRO B 307 1.78 -44.73 -7.15
CA PRO B 307 2.12 -45.89 -6.31
C PRO B 307 1.16 -47.05 -6.55
N LEU B 308 1.64 -48.27 -6.35
CA LEU B 308 0.82 -49.48 -6.51
C LEU B 308 -0.44 -49.44 -5.62
N SER B 309 -0.26 -49.12 -4.34
CA SER B 309 -1.38 -49.02 -3.39
C SER B 309 -2.47 -48.11 -3.93
N MET B 310 -2.04 -47.03 -4.57
CA MET B 310 -2.97 -46.05 -5.08
C MET B 310 -3.75 -46.60 -6.29
N ARG B 311 -3.06 -47.21 -7.25
CA ARG B 311 -3.74 -47.76 -8.43
C ARG B 311 -4.71 -48.88 -8.05
N GLY B 312 -4.35 -49.66 -7.04
CA GLY B 312 -5.17 -50.78 -6.57
C GLY B 312 -6.40 -50.34 -5.79
N LEU B 313 -6.21 -49.39 -4.87
CA LEU B 313 -7.28 -48.94 -3.97
C LEU B 313 -8.28 -47.96 -4.59
N VAL B 314 -7.82 -47.14 -5.53
CA VAL B 314 -8.63 -46.07 -6.11
C VAL B 314 -9.27 -46.50 -7.42
N GLY B 315 -8.60 -47.41 -8.14
CA GLY B 315 -9.13 -47.95 -9.37
C GLY B 315 -9.35 -46.89 -10.41
N ASN B 316 -10.50 -46.96 -11.08
CA ASN B 316 -10.79 -46.05 -12.20
C ASN B 316 -11.16 -44.62 -11.77
N ARG B 317 -11.07 -44.34 -10.47
CA ARG B 317 -11.19 -42.97 -9.98
C ARG B 317 -9.86 -42.21 -10.09
N LEU B 318 -8.75 -42.96 -10.17
CA LEU B 318 -7.40 -42.42 -10.38
C LEU B 318 -7.14 -42.38 -11.89
N PRO B 319 -6.85 -41.20 -12.47
CA PRO B 319 -6.53 -41.17 -13.90
C PRO B 319 -5.24 -41.95 -14.20
N GLN B 320 -5.03 -42.27 -15.48
CA GLN B 320 -3.85 -43.03 -15.88
C GLN B 320 -3.02 -42.24 -16.87
N PHE B 321 -1.70 -42.32 -16.70
CA PHE B 321 -0.78 -41.69 -17.63
C PHE B 321 -0.75 -42.48 -18.92
N THR B 322 -0.71 -41.81 -20.06
CA THR B 322 -0.38 -42.48 -21.30
C THR B 322 1.10 -42.85 -21.24
N LYS B 323 1.57 -43.62 -22.21
CA LYS B 323 2.98 -43.99 -22.27
C LYS B 323 3.84 -42.72 -22.40
N GLU B 324 3.42 -41.79 -23.28
CA GLU B 324 4.13 -40.52 -23.52
C GLU B 324 4.15 -39.64 -22.28
N GLN B 325 3.02 -39.59 -21.57
CA GLN B 325 2.92 -38.81 -20.33
C GLN B 325 3.84 -39.35 -19.27
N SER B 326 3.84 -40.67 -19.11
CA SER B 326 4.71 -41.36 -18.16
C SER B 326 6.20 -41.04 -18.39
N LYS B 327 6.62 -41.11 -19.65
CA LYS B 327 7.97 -40.73 -20.05
C LYS B 327 8.28 -39.28 -19.63
N LEU B 328 7.35 -38.37 -19.95
CA LEU B 328 7.50 -36.94 -19.64
C LEU B 328 7.62 -36.64 -18.14
N VAL B 329 6.82 -37.32 -17.34
CA VAL B 329 6.79 -37.05 -15.89
C VAL B 329 8.00 -37.65 -15.19
N LYS B 330 8.34 -38.90 -15.53
CA LYS B 330 9.51 -39.57 -14.95
C LYS B 330 10.77 -38.74 -15.21
N GLY B 331 11.49 -38.45 -14.12
CA GLY B 331 12.73 -37.66 -14.15
C GLY B 331 12.61 -36.16 -14.44
N ALA B 332 11.39 -35.62 -14.42
CA ALA B 332 11.18 -34.21 -14.76
C ALA B 332 11.44 -33.28 -13.56
N PHE B 333 12.70 -33.19 -13.15
CA PHE B 333 13.10 -32.34 -12.02
C PHE B 333 14.62 -32.24 -11.94
N ASP B 334 15.11 -31.13 -11.40
CA ASP B 334 16.52 -30.98 -11.07
C ASP B 334 16.73 -31.23 -9.58
N PHE B 335 15.73 -30.85 -8.79
CA PHE B 335 15.70 -31.10 -7.36
C PHE B 335 14.26 -31.33 -6.92
N ILE B 336 14.08 -31.80 -5.69
CA ILE B 336 12.78 -31.89 -5.07
C ILE B 336 12.82 -31.01 -3.84
N GLY B 337 11.85 -30.11 -3.74
CA GLY B 337 11.62 -29.35 -2.52
C GLY B 337 10.81 -30.19 -1.57
N LEU B 338 11.22 -30.17 -0.31
CA LEU B 338 10.60 -31.00 0.73
C LEU B 338 10.13 -30.12 1.88
N ASN B 339 8.84 -30.27 2.23
CA ASN B 339 8.31 -29.58 3.40
C ASN B 339 8.02 -30.57 4.50
N TYR B 340 8.53 -30.29 5.70
CA TYR B 340 8.27 -31.16 6.84
C TYR B 340 7.86 -30.36 8.07
N TYR B 341 6.81 -30.82 8.73
CA TYR B 341 6.32 -30.17 9.93
C TYR B 341 6.10 -31.12 11.09
N THR B 342 5.52 -32.29 10.81
CA THR B 342 5.10 -33.22 11.88
C THR B 342 5.07 -34.66 11.48
N ALA B 343 4.66 -35.48 12.45
CA ALA B 343 4.42 -36.90 12.27
C ALA B 343 2.99 -37.27 12.70
N ASN B 344 2.42 -38.28 12.04
CA ASN B 344 1.15 -38.90 12.46
C ASN B 344 1.27 -40.39 12.78
N TYR B 345 0.53 -40.85 13.78
CA TYR B 345 0.33 -42.28 13.95
C TYR B 345 -0.58 -42.77 12.83
N ALA B 346 -0.24 -43.92 12.25
CA ALA B 346 -1.05 -44.54 11.21
C ALA B 346 -1.55 -45.89 11.67
N ASP B 347 -2.85 -46.07 11.50
CA ASP B 347 -3.63 -47.16 12.05
C ASP B 347 -4.44 -47.77 10.91
N ASN B 348 -4.60 -49.09 10.89
CA ASN B 348 -5.34 -49.71 9.78
C ASN B 348 -6.84 -49.43 9.86
N LEU B 349 -7.48 -49.33 8.69
CA LEU B 349 -8.91 -49.12 8.58
C LEU B 349 -9.53 -50.14 7.62
N PRO B 350 -10.66 -50.77 8.01
CA PRO B 350 -11.44 -51.56 7.04
C PRO B 350 -12.17 -50.68 6.00
N PRO B 351 -12.61 -51.24 4.90
CA PRO B 351 -13.45 -50.54 3.92
C PRO B 351 -14.86 -50.18 4.36
N SER B 352 -15.53 -49.37 3.55
CA SER B 352 -16.36 -48.27 4.04
C SER B 352 -17.81 -48.60 3.76
N ASN B 353 -18.10 -48.90 2.51
CA ASN B 353 -17.32 -49.85 1.77
C ASN B 353 -17.56 -49.74 0.29
N GLY B 354 -18.67 -49.14 -0.07
CA GLY B 354 -19.04 -47.85 0.46
C GLY B 354 -19.45 -46.97 -0.69
N LEU B 355 -20.42 -46.10 -0.44
CA LEU B 355 -20.73 -44.95 -1.31
C LEU B 355 -20.22 -43.61 -0.73
N ASN B 356 -19.28 -43.71 0.20
CA ASN B 356 -18.64 -42.52 0.78
C ASN B 356 -17.17 -42.42 0.35
N ASN B 357 -16.92 -42.69 -0.93
CA ASN B 357 -15.58 -42.60 -1.50
C ASN B 357 -15.00 -41.19 -1.41
N SER B 358 -13.89 -41.05 -0.67
CA SER B 358 -13.23 -39.77 -0.52
C SER B 358 -11.73 -40.02 -0.46
N TYR B 359 -10.94 -39.13 -1.07
CA TYR B 359 -9.49 -39.20 -0.96
C TYR B 359 -9.07 -39.36 0.49
N THR B 360 -9.78 -38.69 1.40
CA THR B 360 -9.42 -38.69 2.83
C THR B 360 -9.32 -40.10 3.40
N THR B 361 -10.26 -40.96 3.01
CA THR B 361 -10.32 -42.34 3.53
C THR B 361 -9.76 -43.38 2.56
N ASP B 362 -9.56 -43.00 1.30
CA ASP B 362 -9.11 -43.91 0.24
C ASP B 362 -7.88 -44.76 0.59
N SER B 363 -7.04 -44.24 1.49
CA SER B 363 -5.80 -44.90 1.90
C SER B 363 -6.02 -46.09 2.84
N ARG B 364 -7.23 -46.18 3.39
CA ARG B 364 -7.57 -47.13 4.47
C ARG B 364 -6.55 -47.06 5.62
N ALA B 365 -5.95 -45.88 5.78
CA ALA B 365 -5.11 -45.56 6.93
C ALA B 365 -5.79 -44.47 7.73
N ASN B 366 -5.93 -44.69 9.04
CA ASN B 366 -6.48 -43.67 9.93
C ASN B 366 -5.39 -42.88 10.65
N LEU B 367 -5.40 -41.57 10.44
CA LEU B 367 -4.31 -40.72 10.88
C LEU B 367 -4.69 -39.97 12.14
N THR B 368 -3.84 -40.05 13.15
CA THR B 368 -4.04 -39.34 14.40
C THR B 368 -2.67 -38.89 14.93
N GLY B 369 -2.68 -37.87 15.78
CA GLY B 369 -1.45 -37.41 16.43
C GLY B 369 -1.43 -37.79 17.90
N VAL B 370 -2.47 -38.50 18.32
CA VAL B 370 -2.63 -38.91 19.71
C VAL B 370 -2.83 -40.44 19.78
N ARG B 371 -2.11 -41.09 20.70
CA ARG B 371 -2.22 -42.54 20.92
C ARG B 371 -2.43 -42.85 22.41
N ASN B 372 -3.55 -43.52 22.70
CA ASN B 372 -4.08 -43.66 24.08
C ASN B 372 -3.81 -42.45 25.00
N GLY B 373 -4.33 -41.30 24.56
CA GLY B 373 -4.23 -40.04 25.28
C GLY B 373 -2.85 -39.39 25.31
N ILE B 374 -1.86 -40.02 24.68
CA ILE B 374 -0.50 -39.46 24.63
C ILE B 374 -0.22 -38.85 23.24
N PRO B 375 0.11 -37.54 23.21
CA PRO B 375 0.33 -36.88 21.92
C PRO B 375 1.74 -37.21 21.41
N ILE B 376 1.85 -37.56 20.13
CA ILE B 376 3.13 -37.93 19.50
C ILE B 376 4.30 -36.96 19.82
N GLY B 377 3.97 -35.69 20.04
CA GLY B 377 4.92 -34.65 20.45
C GLY B 377 4.12 -33.45 20.94
N PRO B 378 4.76 -32.48 21.60
CA PRO B 378 4.00 -31.28 22.00
C PRO B 378 3.25 -30.66 20.80
N GLN B 379 2.02 -30.22 21.05
CA GLN B 379 1.18 -29.64 20.02
C GLN B 379 1.46 -28.14 19.93
N ALA B 380 1.60 -27.64 18.71
CA ALA B 380 1.76 -26.21 18.49
C ALA B 380 0.39 -25.52 18.39
N ALA B 381 0.37 -24.25 17.96
CA ALA B 381 -0.87 -23.49 17.84
C ALA B 381 -1.80 -24.10 16.77
N SER B 382 -1.23 -24.54 15.65
CA SER B 382 -1.97 -25.31 14.65
C SER B 382 -2.31 -26.67 15.27
N PRO B 383 -3.58 -27.07 15.23
CA PRO B 383 -4.00 -28.32 15.88
C PRO B 383 -3.37 -29.57 15.24
N TRP B 384 -2.99 -29.46 13.97
CA TRP B 384 -2.41 -30.55 13.20
C TRP B 384 -0.89 -30.67 13.40
N LEU B 385 -0.30 -29.67 14.03
CA LEU B 385 1.14 -29.54 14.16
C LEU B 385 1.62 -30.06 15.50
N TYR B 386 2.26 -31.23 15.49
CA TYR B 386 2.90 -31.80 16.68
C TYR B 386 4.42 -31.84 16.48
N VAL B 387 5.17 -31.36 17.48
CA VAL B 387 6.64 -31.28 17.40
C VAL B 387 7.30 -32.66 17.55
N TYR B 388 7.85 -33.17 16.46
CA TYR B 388 8.49 -34.49 16.42
C TYR B 388 9.69 -34.44 15.48
N PRO B 389 10.83 -33.93 15.97
CA PRO B 389 12.05 -33.73 15.18
C PRO B 389 12.57 -35.03 14.55
N GLN B 390 12.33 -36.14 15.24
CA GLN B 390 12.82 -37.44 14.81
C GLN B 390 12.36 -37.78 13.40
N GLY B 391 11.11 -37.48 13.11
CA GLY B 391 10.48 -37.81 11.83
C GLY B 391 11.08 -37.06 10.66
N PHE B 392 11.77 -35.96 10.97
CA PHE B 392 12.46 -35.17 9.97
C PHE B 392 13.54 -36.06 9.34
N ARG B 393 14.41 -36.59 10.21
CA ARG B 393 15.45 -37.55 9.82
C ARG B 393 14.84 -38.75 9.09
N ASP B 394 13.84 -39.35 9.72
CA ASP B 394 13.12 -40.51 9.17
C ASP B 394 12.70 -40.28 7.73
N LEU B 395 12.10 -39.11 7.48
CA LEU B 395 11.59 -38.77 6.16
C LEU B 395 12.73 -38.71 5.16
N LEU B 396 13.80 -38.01 5.54
CA LEU B 396 14.91 -37.76 4.64
C LEU B 396 15.60 -39.07 4.23
N LEU B 397 15.72 -39.98 5.19
CA LEU B 397 16.36 -41.26 4.92
C LEU B 397 15.44 -42.17 4.13
N TYR B 398 14.14 -42.06 4.38
CA TYR B 398 13.14 -42.74 3.56
C TYR B 398 13.29 -42.31 2.10
N VAL B 399 13.49 -41.01 1.88
CA VAL B 399 13.66 -40.48 0.52
C VAL B 399 14.97 -41.03 -0.06
N LYS B 400 16.04 -40.90 0.72
CA LYS B 400 17.36 -41.45 0.34
C LYS B 400 17.27 -42.90 -0.12
N GLU B 401 16.67 -43.75 0.69
CA GLU B 401 16.66 -45.20 0.45
C GLU B 401 15.67 -45.67 -0.61
N ASN B 402 14.56 -44.95 -0.77
CA ASN B 402 13.48 -45.44 -1.65
C ASN B 402 13.36 -44.76 -3.00
N TYR B 403 14.00 -43.59 -3.15
CA TYR B 403 13.81 -42.80 -4.37
C TYR B 403 15.10 -42.41 -5.04
N GLY B 404 16.16 -43.17 -4.75
CA GLY B 404 17.45 -42.95 -5.40
C GLY B 404 18.13 -41.67 -4.96
N ASN B 405 17.85 -41.26 -3.73
CA ASN B 405 18.53 -40.11 -3.09
C ASN B 405 18.70 -38.88 -4.01
N PRO B 406 17.58 -38.27 -4.42
CA PRO B 406 17.66 -37.11 -5.34
C PRO B 406 18.11 -35.82 -4.62
N THR B 407 18.53 -34.83 -5.40
CA THR B 407 18.85 -33.50 -4.86
C THR B 407 17.60 -32.92 -4.19
N VAL B 408 17.71 -32.61 -2.91
CA VAL B 408 16.60 -32.11 -2.10
C VAL B 408 16.96 -30.77 -1.47
N TYR B 409 15.99 -29.86 -1.45
CA TYR B 409 16.06 -28.66 -0.62
C TYR B 409 14.92 -28.73 0.36
N ILE B 410 15.16 -28.36 1.61
CA ILE B 410 14.07 -28.26 2.57
C ILE B 410 13.44 -26.90 2.36
N THR B 411 12.33 -26.90 1.65
CA THR B 411 11.69 -25.66 1.24
C THR B 411 10.79 -25.06 2.32
N GLU B 412 10.29 -25.89 3.24
CA GLU B 412 9.55 -25.39 4.41
C GLU B 412 9.76 -26.19 5.69
N ASN B 413 9.95 -25.47 6.79
CA ASN B 413 10.03 -26.05 8.12
C ASN B 413 9.81 -24.97 9.17
N GLY B 414 8.88 -25.18 10.09
CA GLY B 414 8.65 -24.19 11.16
C GLY B 414 7.46 -24.52 12.04
N VAL B 415 7.13 -23.60 12.95
CA VAL B 415 6.04 -23.75 13.92
C VAL B 415 5.30 -22.45 14.18
N ASP B 416 4.14 -22.57 14.83
CA ASP B 416 3.34 -21.40 15.17
C ASP B 416 2.99 -21.31 16.65
N GLU B 417 2.87 -20.08 17.15
CA GLU B 417 2.21 -19.80 18.42
C GLU B 417 0.92 -19.05 18.12
N PHE B 418 0.02 -18.97 19.09
CA PHE B 418 -1.24 -18.24 18.92
C PHE B 418 -1.02 -16.74 18.76
N ASN B 419 -1.90 -16.10 17.99
CA ASN B 419 -2.00 -14.65 17.99
C ASN B 419 -2.86 -14.24 19.18
N ASN B 420 -2.26 -13.46 20.07
CA ASN B 420 -2.82 -13.17 21.37
C ASN B 420 -2.84 -11.68 21.60
N LYS B 421 -4.02 -11.07 21.42
CA LYS B 421 -4.19 -9.62 21.54
C LYS B 421 -3.95 -9.06 22.95
N THR B 422 -3.92 -9.94 23.95
CA THR B 422 -3.82 -9.51 25.35
C THR B 422 -2.37 -9.43 25.85
N LEU B 423 -1.45 -10.18 25.21
CA LEU B 423 -0.02 -10.11 25.53
C LEU B 423 0.60 -8.76 25.16
N PRO B 424 1.42 -8.18 26.06
CA PRO B 424 2.18 -7.00 25.64
C PRO B 424 3.22 -7.37 24.57
N LEU B 425 3.68 -6.38 23.81
CA LEU B 425 4.59 -6.60 22.65
C LEU B 425 5.80 -7.48 22.97
N GLN B 426 6.56 -7.08 24.00
CA GLN B 426 7.82 -7.75 24.29
C GLN B 426 7.70 -9.21 24.78
N GLU B 427 6.52 -9.58 25.29
CA GLU B 427 6.29 -10.99 25.66
C GLU B 427 5.92 -11.82 24.43
N ALA B 428 5.34 -11.16 23.43
CA ALA B 428 4.97 -11.82 22.17
C ALA B 428 6.22 -12.14 21.36
N LEU B 429 7.26 -11.32 21.54
CA LEU B 429 8.55 -11.49 20.85
C LEU B 429 9.40 -12.64 21.40
N LYS B 430 9.03 -13.17 22.56
CA LYS B 430 9.81 -14.23 23.19
C LYS B 430 9.31 -15.59 22.74
N ASP B 431 9.81 -16.03 21.59
CA ASP B 431 9.34 -17.28 20.99
C ASP B 431 10.34 -18.42 21.18
N ASP B 432 10.61 -18.75 22.44
CA ASP B 432 11.55 -19.82 22.79
C ASP B 432 11.10 -21.16 22.24
N ALA B 433 9.78 -21.38 22.17
CA ALA B 433 9.25 -22.60 21.59
C ALA B 433 9.67 -22.76 20.11
N ARG B 434 9.79 -21.64 19.40
CA ARG B 434 10.29 -21.63 18.01
C ARG B 434 11.80 -21.96 17.93
N ILE B 435 12.59 -21.31 18.80
CA ILE B 435 14.03 -21.62 18.86
C ILE B 435 14.23 -23.12 19.10
N GLU B 436 13.56 -23.65 20.13
CA GLU B 436 13.61 -25.08 20.44
C GLU B 436 13.25 -25.92 19.21
N TYR B 437 12.17 -25.54 18.52
CA TYR B 437 11.75 -26.24 17.29
C TYR B 437 12.87 -26.31 16.26
N TYR B 438 13.52 -25.17 16.01
CA TYR B 438 14.56 -25.10 15.01
C TYR B 438 15.83 -25.81 15.44
N HIS B 439 16.19 -25.66 16.71
CA HIS B 439 17.36 -26.32 17.30
C HIS B 439 17.28 -27.84 17.04
N LYS B 440 16.16 -28.44 17.41
CA LYS B 440 16.00 -29.88 17.31
C LYS B 440 15.90 -30.36 15.85
N HIS B 441 15.18 -29.60 15.04
CA HIS B 441 15.00 -29.97 13.65
C HIS B 441 16.27 -29.78 12.81
N LEU B 442 17.07 -28.77 13.13
CA LEU B 442 18.34 -28.59 12.41
C LEU B 442 19.35 -29.67 12.79
N LEU B 443 19.32 -30.11 14.06
CA LEU B 443 20.15 -31.23 14.51
C LEU B 443 19.74 -32.49 13.77
N SER B 444 18.43 -32.73 13.73
CA SER B 444 17.90 -33.90 13.04
C SER B 444 18.20 -33.88 11.53
N LEU B 445 18.22 -32.68 10.95
CA LEU B 445 18.60 -32.54 9.54
C LEU B 445 20.10 -32.83 9.38
N LEU B 446 20.91 -32.25 10.25
CA LEU B 446 22.34 -32.48 10.22
C LEU B 446 22.69 -33.98 10.23
N SER B 447 22.12 -34.71 11.18
CA SER B 447 22.42 -36.14 11.34
C SER B 447 22.04 -36.90 10.08
N ALA B 448 20.96 -36.48 9.44
CA ALA B 448 20.52 -37.15 8.21
C ALA B 448 21.46 -36.84 7.05
N ILE B 449 22.06 -35.64 7.06
CA ILE B 449 23.06 -35.26 6.05
C ILE B 449 24.32 -36.10 6.28
N ARG B 450 24.76 -36.17 7.54
CA ARG B 450 25.93 -36.98 7.92
C ARG B 450 25.76 -38.43 7.48
N ASP B 451 24.52 -38.92 7.45
CA ASP B 451 24.22 -40.30 7.05
C ASP B 451 23.86 -40.43 5.56
N GLY B 452 24.22 -39.41 4.77
CA GLY B 452 24.15 -39.51 3.30
C GLY B 452 22.98 -38.87 2.55
N ALA B 453 22.11 -38.15 3.27
CA ALA B 453 20.99 -37.42 2.63
C ALA B 453 21.46 -36.31 1.70
N ASN B 454 21.00 -36.36 0.46
CA ASN B 454 21.48 -35.46 -0.58
C ASN B 454 20.74 -34.11 -0.53
N VAL B 455 20.94 -33.39 0.58
CA VAL B 455 20.23 -32.14 0.88
C VAL B 455 21.17 -30.94 0.72
N LYS B 456 20.73 -29.92 -0.01
CA LYS B 456 21.64 -28.81 -0.33
C LYS B 456 21.28 -27.45 0.29
N GLY B 457 20.12 -27.36 0.93
CA GLY B 457 19.64 -26.12 1.51
C GLY B 457 18.40 -26.27 2.37
N TYR B 458 18.13 -25.24 3.17
CA TYR B 458 17.06 -25.28 4.16
C TYR B 458 16.35 -23.93 4.25
N PHE B 459 15.04 -23.95 4.08
CA PHE B 459 14.25 -22.72 4.18
C PHE B 459 13.26 -22.80 5.32
N ALA B 460 13.35 -21.87 6.26
CA ALA B 460 12.42 -21.84 7.37
C ALA B 460 11.11 -21.19 6.96
N TRP B 461 9.99 -21.81 7.30
CA TRP B 461 8.71 -21.12 7.25
C TRP B 461 8.43 -20.53 8.63
N SER B 462 8.38 -19.20 8.75
CA SER B 462 8.37 -18.26 7.64
C SER B 462 9.16 -17.02 8.07
N LEU B 463 9.47 -16.11 7.15
CA LEU B 463 10.17 -14.88 7.53
C LEU B 463 9.32 -14.00 8.45
N LEU B 464 8.05 -13.83 8.06
CA LEU B 464 7.14 -12.96 8.79
C LEU B 464 5.89 -13.70 9.19
N ASP B 465 5.19 -13.20 10.20
CA ASP B 465 3.81 -13.62 10.42
C ASP B 465 3.01 -13.24 9.19
N ASN B 466 2.01 -14.05 8.86
CA ASN B 466 1.26 -13.89 7.63
C ASN B 466 -0.12 -14.57 7.68
N PHE B 467 -0.85 -14.45 6.59
CA PHE B 467 -2.16 -15.06 6.48
C PHE B 467 -2.03 -16.58 6.42
N GLU B 468 -2.46 -17.25 7.48
CA GLU B 468 -2.36 -18.70 7.57
C GLU B 468 -3.63 -19.39 7.10
N TRP B 469 -3.99 -19.11 5.85
CA TRP B 469 -5.10 -19.77 5.19
C TRP B 469 -6.32 -19.86 6.11
N SER B 470 -6.87 -21.06 6.30
CA SER B 470 -8.15 -21.22 7.02
C SER B 470 -8.03 -20.77 8.48
N ASN B 471 -6.79 -20.60 8.94
CA ASN B 471 -6.52 -20.08 10.29
C ASN B 471 -6.42 -18.56 10.38
N GLY B 472 -6.47 -17.89 9.22
CA GLY B 472 -6.32 -16.44 9.16
C GLY B 472 -5.09 -15.95 9.90
N TYR B 473 -5.30 -14.97 10.77
CA TYR B 473 -4.24 -14.35 11.53
C TYR B 473 -4.29 -14.79 12.98
N THR B 474 -5.00 -15.88 13.28
CA THR B 474 -5.12 -16.34 14.67
C THR B 474 -3.86 -17.10 15.10
N VAL B 475 -2.94 -17.24 14.17
CA VAL B 475 -1.77 -18.09 14.33
C VAL B 475 -0.56 -17.40 13.69
N ARG B 476 0.60 -17.47 14.36
CA ARG B 476 1.80 -16.73 13.94
C ARG B 476 2.99 -17.65 13.68
N PHE B 477 3.45 -17.73 12.43
CA PHE B 477 4.55 -18.63 12.06
C PHE B 477 5.89 -17.93 11.96
N GLY B 478 5.88 -16.60 11.98
CA GLY B 478 7.07 -15.83 11.60
C GLY B 478 8.23 -15.89 12.55
N ILE B 479 9.44 -15.71 11.99
CA ILE B 479 10.63 -15.36 12.74
C ILE B 479 10.59 -13.87 13.12
N ASN B 480 9.88 -13.08 12.34
CA ASN B 480 9.63 -11.67 12.70
C ASN B 480 8.15 -11.41 12.91
N PHE B 481 7.87 -10.59 13.91
CA PHE B 481 6.52 -10.28 14.35
C PHE B 481 5.91 -9.23 13.42
N VAL B 482 4.68 -9.44 12.98
CA VAL B 482 3.96 -8.42 12.22
C VAL B 482 2.82 -7.85 13.06
N ASP B 483 2.89 -6.54 13.32
CA ASP B 483 1.82 -5.85 14.05
C ASP B 483 0.71 -5.40 13.11
N TYR B 484 -0.33 -6.23 12.99
CA TYR B 484 -1.49 -5.95 12.14
C TYR B 484 -2.26 -4.69 12.55
N ASN B 485 -2.12 -4.31 13.82
CA ASN B 485 -2.82 -3.14 14.35
C ASN B 485 -2.01 -1.86 14.35
N ASP B 486 -0.78 -1.92 13.85
CA ASP B 486 0.05 -0.71 13.73
C ASP B 486 0.82 -0.74 12.44
N GLY B 487 0.07 -0.54 11.36
CA GLY B 487 0.61 -0.42 10.01
C GLY B 487 1.45 -1.57 9.52
N ARG B 488 1.28 -2.75 10.14
CA ARG B 488 2.02 -3.95 9.71
C ARG B 488 3.53 -3.83 9.95
N LYS B 489 3.90 -3.07 11.00
CA LYS B 489 5.30 -2.89 11.35
C LYS B 489 5.93 -4.22 11.73
N ARG B 490 7.18 -4.39 11.33
CA ARG B 490 7.93 -5.63 11.60
C ARG B 490 8.80 -5.52 12.83
N TYR B 491 8.84 -6.60 13.59
CA TYR B 491 9.64 -6.66 14.82
C TYR B 491 10.31 -8.02 14.88
N PRO B 492 11.65 -8.04 14.96
CA PRO B 492 12.39 -9.30 15.16
C PRO B 492 11.96 -10.03 16.44
N LYS B 493 11.65 -11.31 16.32
CA LYS B 493 11.35 -12.13 17.49
C LYS B 493 12.69 -12.63 18.06
N ASN B 494 12.66 -13.33 19.20
CA ASN B 494 13.90 -13.88 19.76
C ASN B 494 14.60 -14.80 18.77
N SER B 495 13.80 -15.59 18.06
CA SER B 495 14.32 -16.54 17.09
C SER B 495 15.10 -15.87 15.98
N ALA B 496 14.83 -14.59 15.72
CA ALA B 496 15.62 -13.83 14.74
C ALA B 496 17.08 -13.71 15.17
N HIS B 497 17.28 -13.27 16.41
CA HIS B 497 18.60 -13.19 17.02
C HIS B 497 19.29 -14.56 17.03
N TRP B 498 18.52 -15.62 17.34
CA TRP B 498 19.05 -16.99 17.34
C TRP B 498 19.55 -17.40 15.95
N PHE B 499 18.84 -16.99 14.90
CA PHE B 499 19.28 -17.30 13.54
C PHE B 499 20.50 -16.47 13.15
N LYS B 500 20.58 -15.24 13.64
CA LYS B 500 21.74 -14.42 13.36
C LYS B 500 23.00 -15.13 13.87
N LYS B 501 22.89 -15.65 15.10
CA LYS B 501 23.98 -16.36 15.76
C LYS B 501 24.32 -17.59 14.94
N PHE B 502 23.32 -18.41 14.67
CA PHE B 502 23.47 -19.63 13.89
C PHE B 502 24.12 -19.41 12.51
N LEU B 503 23.82 -18.28 11.88
CA LEU B 503 24.25 -18.04 10.49
C LEU B 503 25.58 -17.30 10.31
N LEU B 504 26.28 -17.00 11.40
CA LEU B 504 27.60 -16.39 11.29
C LEU B 504 28.67 -17.42 10.89
N LYS B 505 29.70 -17.09 10.12
CA LYS B 505 29.74 -16.23 8.96
C LYS B 505 30.00 -17.19 7.80
#